data_4EE3
#
_entry.id   4EE3
#
_cell.length_a   107.612
_cell.length_b   195.158
_cell.length_c   143.695
_cell.angle_alpha   90.00
_cell.angle_beta   90.00
_cell.angle_gamma   90.00
#
_symmetry.space_group_name_H-M   'C 2 2 21'
#
loop_
_entity.id
_entity.type
_entity.pdbx_description
1 polymer 'Beta-1,4-galactosyltransferase 1'
2 branched beta-D-galactopyranose-(1-3)-2-acetamido-2-deoxy-beta-D-glucopyranose-(1-3)-[2-acetamido-2-deoxy-beta-D-glucopyranose-(1-6)]beta-D-galactopyranose-(1-4)-beta-D-glucopyranose
3 non-polymer "6-AMINOHEXYL-URIDINE-C1,5'-DIPHOSPHATE"
4 non-polymer 'MANGANESE (II) ION'
5 non-polymer 'SULFATE ION'
6 non-polymer GLYCEROL
7 water water
#
_entity_poly.entity_id   1
_entity_poly.type   'polypeptide(L)'
_entity_poly.pdbx_seq_one_letter_code
;ASMTGGQQMGRGSASLPACPEESPLLVGPMLIEFNMPVDLELVAKQNPNVKMGGRYAPRDCVSPHKVAIIIPFRNRQEHL
KYWLYYLHPVLQRQQLDYGIYVINQAGDTIFNRAKLLNVGFQEALKDYDYTCFVFSDVDLIPMNDHNAYRCFSQPRHISV
AMDKFGFSLPYVQYFGGVSALSKQQFLTINGFPNNYWGWGGEDDDIFNRLVFRGMSISRPNAVVGTTRHIRHSRDKKNEP
NPQRFDRIAHTKETMLSDGLNSLTYQVLDVQRYPLYTQITVDIGTPS
;
_entity_poly.pdbx_strand_id   A,B,C
#
loop_
_chem_comp.id
_chem_comp.type
_chem_comp.name
_chem_comp.formula
BGC D-saccharide, beta linking beta-D-glucopyranose 'C6 H12 O6'
GAL D-saccharide, beta linking beta-D-galactopyranose 'C6 H12 O6'
GOL non-polymer GLYCEROL 'C3 H8 O3'
MN non-polymer 'MANGANESE (II) ION' 'Mn 2'
NAG D-saccharide, beta linking 2-acetamido-2-deoxy-beta-D-glucopyranose 'C8 H15 N O6'
SO4 non-polymer 'SULFATE ION' 'O4 S -2'
UDH non-polymer 6-AMINOHEXYL-URIDINE-C1,5'-DIPHOSPHATE 'C15 H27 N3 O12 P2'
#
# COMPACT_ATOMS: atom_id res chain seq x y z
N SER A 15 -15.66 26.67 -14.49
CA SER A 15 -15.41 25.67 -15.58
C SER A 15 -14.79 24.31 -15.10
N LEU A 16 -14.06 24.25 -13.96
CA LEU A 16 -13.59 22.96 -13.39
C LEU A 16 -14.73 22.00 -13.00
N PRO A 17 -14.59 20.70 -13.31
CA PRO A 17 -15.72 19.77 -13.00
C PRO A 17 -15.75 19.36 -11.52
N ALA A 18 -16.87 18.85 -11.03
CA ALA A 18 -16.94 18.35 -9.66
C ALA A 18 -15.92 17.20 -9.53
N CYS A 19 -15.26 17.10 -8.39
CA CYS A 19 -14.47 15.94 -8.06
C CYS A 19 -15.36 14.73 -8.02
N PRO A 20 -14.79 13.53 -8.27
CA PRO A 20 -15.61 12.33 -8.11
C PRO A 20 -16.14 12.24 -6.67
N GLU A 21 -17.32 11.65 -6.51
CA GLU A 21 -17.92 11.41 -5.21
C GLU A 21 -17.00 10.71 -4.21
N GLU A 22 -16.34 9.63 -4.64
CA GLU A 22 -15.29 9.08 -3.83
C GLU A 22 -13.97 9.34 -4.52
N SER A 23 -12.99 9.74 -3.75
CA SER A 23 -11.73 10.08 -4.36
C SER A 23 -11.08 8.83 -4.95
N PRO A 24 -10.53 8.95 -6.17
CA PRO A 24 -9.79 7.81 -6.70
C PRO A 24 -8.35 7.73 -6.23
N LEU A 25 -7.87 8.71 -5.44
CA LEU A 25 -6.46 8.79 -5.03
C LEU A 25 -6.13 7.93 -3.80
N LEU A 26 -7.14 7.49 -3.06
CA LEU A 26 -6.94 6.79 -1.81
C LEU A 26 -6.17 5.48 -1.94
N VAL A 27 -5.37 5.15 -0.93
CA VAL A 27 -4.64 3.90 -0.92
C VAL A 27 -5.05 2.95 0.20
N GLY A 28 -6.02 3.34 1.03
CA GLY A 28 -6.44 2.45 2.12
C GLY A 28 -5.53 2.43 3.35
N PRO A 29 -5.23 1.24 3.90
CA PRO A 29 -4.51 1.14 5.16
C PRO A 29 -3.09 1.63 5.03
N MET A 30 -2.53 2.17 6.10
CA MET A 30 -1.27 2.90 6.09
C MET A 30 -0.49 2.49 7.30
N LEU A 31 0.83 2.65 7.24
CA LEU A 31 1.65 2.42 8.41
C LEU A 31 1.79 3.70 9.21
N ILE A 32 1.46 3.67 10.50
CA ILE A 32 1.54 4.86 11.32
C ILE A 32 2.59 4.66 12.39
N GLU A 33 3.59 5.54 12.49
CA GLU A 33 4.61 5.35 13.54
C GLU A 33 4.95 6.64 14.25
N PHE A 34 5.19 6.56 15.54
CA PHE A 34 5.52 7.75 16.32
C PHE A 34 6.90 7.74 17.02
N ASN A 35 7.94 7.17 16.45
CA ASN A 35 9.20 7.22 17.21
C ASN A 35 10.30 8.09 16.57
N MET A 36 10.13 8.41 15.30
CA MET A 36 11.05 9.30 14.62
C MET A 36 10.77 10.76 14.96
N PRO A 37 11.80 11.61 14.81
CA PRO A 37 11.62 13.07 14.90
C PRO A 37 10.95 13.59 13.63
N VAL A 38 10.35 14.78 13.66
CA VAL A 38 9.59 15.34 12.54
C VAL A 38 10.04 16.76 12.35
N ASP A 39 10.15 17.21 11.09
CA ASP A 39 10.59 18.54 10.88
C ASP A 39 9.66 19.27 9.93
N LEU A 40 8.97 20.27 10.48
CA LEU A 40 7.83 20.88 9.77
C LEU A 40 8.21 21.57 8.49
N GLU A 41 9.42 22.14 8.45
CA GLU A 41 9.96 22.73 7.22
C GLU A 41 10.05 21.70 6.13
N LEU A 42 10.45 20.49 6.52
CA LEU A 42 10.52 19.37 5.60
C LEU A 42 9.13 18.86 5.21
N VAL A 43 8.25 18.71 6.21
CA VAL A 43 6.84 18.42 5.92
C VAL A 43 6.26 19.44 4.96
N ALA A 44 6.57 20.72 5.14
CA ALA A 44 6.06 21.73 4.20
C ALA A 44 6.61 21.46 2.81
N LYS A 45 7.90 21.14 2.70
CA LYS A 45 8.51 20.82 1.41
C LYS A 45 7.87 19.61 0.74
N GLN A 46 7.62 18.58 1.52
CA GLN A 46 6.89 17.39 1.05
C GLN A 46 5.42 17.66 0.68
N ASN A 47 4.90 18.82 1.10
CA ASN A 47 3.50 19.13 0.88
C ASN A 47 3.33 20.47 0.15
N PRO A 48 4.03 20.63 -0.99
CA PRO A 48 4.12 21.93 -1.64
C PRO A 48 2.77 22.53 -2.03
N ASN A 49 1.73 21.73 -2.18
CA ASN A 49 0.47 22.36 -2.53
C ASN A 49 -0.33 22.92 -1.37
N VAL A 50 0.15 22.68 -0.15
CA VAL A 50 -0.51 23.27 0.98
C VAL A 50 -0.09 24.74 1.11
N LYS A 51 -1.06 25.64 1.09
CA LYS A 51 -0.84 27.07 1.07
C LYS A 51 -0.81 27.70 2.45
N MET A 52 -0.38 28.95 2.49
CA MET A 52 -0.08 29.59 3.77
C MET A 52 -1.28 29.47 4.72
N GLY A 53 -1.03 29.02 5.93
CA GLY A 53 -2.10 28.82 6.89
C GLY A 53 -2.69 27.44 6.93
N GLY A 54 -2.08 26.52 6.17
CA GLY A 54 -2.53 25.12 6.08
C GLY A 54 -3.81 24.97 5.28
N ARG A 55 -3.86 25.57 4.10
CA ARG A 55 -5.04 25.58 3.25
C ARG A 55 -4.73 24.85 1.95
N TYR A 56 -5.72 24.14 1.40
CA TYR A 56 -5.50 23.30 0.24
C TYR A 56 -6.84 23.08 -0.38
N ALA A 57 -6.94 23.30 -1.70
CA ALA A 57 -8.03 22.77 -2.47
C ALA A 57 -7.45 22.07 -3.70
N PRO A 58 -8.11 21.05 -4.30
CA PRO A 58 -7.49 20.40 -5.45
C PRO A 58 -7.40 21.36 -6.63
N ARG A 59 -6.45 21.17 -7.54
CA ARG A 59 -6.43 22.09 -8.67
C ARG A 59 -7.11 21.53 -9.89
N ASP A 60 -7.56 20.27 -9.82
CA ASP A 60 -8.12 19.64 -11.01
C ASP A 60 -9.63 19.55 -11.01
N CYS A 61 -10.23 19.72 -9.84
CA CYS A 61 -11.69 19.59 -9.76
C CYS A 61 -12.14 20.34 -8.51
N VAL A 62 -13.43 20.61 -8.41
CA VAL A 62 -14.00 21.39 -7.33
C VAL A 62 -14.59 20.44 -6.28
N SER A 63 -14.07 20.47 -5.05
CA SER A 63 -14.62 19.64 -4.00
C SER A 63 -15.91 20.23 -3.48
N PRO A 64 -16.91 19.39 -3.18
CA PRO A 64 -18.11 19.92 -2.46
C PRO A 64 -17.82 19.96 -0.97
N HIS A 65 -16.69 19.40 -0.55
CA HIS A 65 -16.35 19.37 0.89
C HIS A 65 -15.45 20.54 1.29
N LYS A 66 -16.05 21.56 1.90
CA LYS A 66 -15.33 22.78 2.32
C LYS A 66 -15.16 22.60 3.80
N VAL A 67 -13.97 22.17 4.21
CA VAL A 67 -13.82 21.65 5.55
C VAL A 67 -12.83 22.44 6.38
N ALA A 68 -13.21 22.80 7.59
CA ALA A 68 -12.27 23.45 8.46
C ALA A 68 -11.99 22.43 9.49
N ILE A 69 -10.72 22.11 9.79
CA ILE A 69 -10.44 21.06 10.78
C ILE A 69 -9.94 21.80 12.00
N ILE A 70 -10.46 21.45 13.16
CA ILE A 70 -10.32 22.31 14.31
C ILE A 70 -9.72 21.49 15.40
N ILE A 71 -8.61 21.97 15.95
CA ILE A 71 -7.87 21.16 16.90
C ILE A 71 -7.77 21.96 18.19
N PRO A 72 -8.27 21.39 19.30
CA PRO A 72 -8.16 22.08 20.57
C PRO A 72 -6.75 21.85 21.08
N PHE A 73 -6.11 22.90 21.57
CA PHE A 73 -4.66 22.83 21.79
C PHE A 73 -4.15 23.60 23.01
N ARG A 74 -3.20 23.00 23.72
CA ARG A 74 -2.26 23.81 24.53
C ARG A 74 -1.10 22.93 24.91
N ASN A 75 0.13 23.40 24.64
CA ASN A 75 1.34 22.65 25.07
C ASN A 75 1.39 21.22 24.50
N ARG A 76 1.13 21.09 23.21
CA ARG A 76 1.19 19.78 22.56
C ARG A 76 1.87 19.94 21.22
N GLN A 77 2.96 20.72 21.15
CA GLN A 77 3.64 20.97 19.88
C GLN A 77 4.12 19.65 19.21
N GLU A 78 4.62 18.73 20.01
CA GLU A 78 5.18 17.50 19.50
C GLU A 78 4.09 16.65 18.81
N HIS A 79 3.03 16.37 19.58
CA HIS A 79 1.85 15.72 19.00
C HIS A 79 1.44 16.40 17.71
N LEU A 80 1.39 17.72 17.70
CA LEU A 80 0.89 18.38 16.50
C LEU A 80 1.74 18.09 15.27
N LYS A 81 3.05 17.96 15.50
CA LYS A 81 3.94 17.75 14.40
C LYS A 81 3.61 16.40 13.73
N TYR A 82 3.38 15.39 14.55
CA TYR A 82 2.94 14.12 14.01
C TYR A 82 1.59 14.25 13.28
N TRP A 83 0.66 14.98 13.91
CA TRP A 83 -0.67 15.20 13.32
C TRP A 83 -0.49 15.76 11.90
N LEU A 84 0.32 16.78 11.77
CA LEU A 84 0.35 17.50 10.51
C LEU A 84 1.07 16.66 9.44
N TYR A 85 2.05 15.90 9.89
CA TYR A 85 2.84 15.00 9.03
C TYR A 85 1.96 13.91 8.43
N TYR A 86 1.08 13.34 9.24
CA TYR A 86 0.20 12.29 8.75
C TYR A 86 -1.00 12.78 7.97
N LEU A 87 -1.74 13.75 8.53
CA LEU A 87 -3.04 14.15 8.01
C LEU A 87 -2.92 14.89 6.71
N HIS A 88 -1.90 15.74 6.60
CA HIS A 88 -1.90 16.59 5.42
C HIS A 88 -1.88 15.75 4.11
N PRO A 89 -0.99 14.75 3.98
CA PRO A 89 -1.17 13.97 2.74
C PRO A 89 -2.56 13.29 2.59
N VAL A 90 -3.14 12.84 3.71
CA VAL A 90 -4.40 12.13 3.71
C VAL A 90 -5.49 13.08 3.28
N LEU A 91 -5.48 14.30 3.83
CA LEU A 91 -6.53 15.24 3.52
C LEU A 91 -6.45 15.66 2.07
N GLN A 92 -5.26 15.77 1.48
CA GLN A 92 -5.18 16.04 0.05
C GLN A 92 -5.60 14.84 -0.79
N ARG A 93 -5.31 13.62 -0.33
CA ARG A 93 -5.78 12.47 -1.15
C ARG A 93 -7.30 12.42 -1.14
N GLN A 94 -7.93 12.87 -0.02
CA GLN A 94 -9.41 12.89 0.09
C GLN A 94 -10.03 13.97 -0.81
N GLN A 95 -9.18 14.77 -1.45
CA GLN A 95 -9.66 15.81 -2.34
C GLN A 95 -10.53 16.88 -1.68
N LEU A 96 -10.23 17.26 -0.44
CA LEU A 96 -11.03 18.24 0.29
C LEU A 96 -10.55 19.66 0.00
N ASP A 97 -11.47 20.60 0.09
CA ASP A 97 -11.14 22.04 0.06
C ASP A 97 -11.03 22.38 1.53
N TYR A 98 -9.85 22.32 2.13
CA TYR A 98 -9.82 22.34 3.60
C TYR A 98 -8.84 23.35 4.19
N GLY A 99 -8.89 23.58 5.50
CA GLY A 99 -7.89 24.42 6.22
C GLY A 99 -7.74 23.93 7.65
N ILE A 100 -6.61 24.15 8.30
CA ILE A 100 -6.34 23.56 9.60
C ILE A 100 -6.30 24.69 10.63
N TYR A 101 -6.93 24.51 11.82
CA TYR A 101 -7.00 25.54 12.82
C TYR A 101 -6.62 24.94 14.14
N VAL A 102 -5.51 25.41 14.72
CA VAL A 102 -5.12 24.95 16.04
C VAL A 102 -5.55 26.10 16.93
N ILE A 103 -6.40 25.77 17.90
CA ILE A 103 -7.03 26.82 18.70
C ILE A 103 -6.36 26.65 20.03
N ASN A 104 -5.47 27.61 20.30
CA ASN A 104 -4.53 27.50 21.38
C ASN A 104 -5.00 28.35 22.58
N GLN A 105 -5.25 27.67 23.70
CA GLN A 105 -5.73 28.31 24.92
C GLN A 105 -4.61 29.15 25.57
N ALA A 106 -4.77 30.47 25.61
CA ALA A 106 -3.86 31.34 26.39
C ALA A 106 -3.93 31.03 27.88
N GLY A 107 -2.84 31.30 28.61
CA GLY A 107 -2.84 31.27 30.08
C GLY A 107 -2.59 29.86 30.58
N ASP A 108 -2.64 29.64 31.88
CA ASP A 108 -2.27 28.34 32.50
C ASP A 108 -3.33 27.93 33.49
N THR A 109 -4.58 28.33 33.22
CA THR A 109 -5.67 27.82 34.04
C THR A 109 -6.37 26.63 33.35
N ILE A 110 -7.30 26.00 34.08
CA ILE A 110 -8.00 24.79 33.68
C ILE A 110 -8.42 24.79 32.19
N PHE A 111 -7.99 23.74 31.48
CA PHE A 111 -8.36 23.50 30.08
C PHE A 111 -9.88 23.39 29.83
N ASN A 112 -10.28 23.97 28.70
CA ASN A 112 -11.66 23.89 28.20
C ASN A 112 -11.75 23.45 26.75
N ARG A 113 -11.80 22.13 26.51
CA ARG A 113 -11.67 21.62 25.14
C ARG A 113 -12.83 22.07 24.28
N ALA A 114 -14.04 21.85 24.81
CA ALA A 114 -15.23 22.20 24.07
C ALA A 114 -15.36 23.68 23.73
N LYS A 115 -14.84 24.55 24.60
CA LYS A 115 -15.01 25.98 24.34
C LYS A 115 -14.05 26.40 23.24
N LEU A 116 -12.86 25.75 23.25
CA LEU A 116 -11.92 26.00 22.14
C LEU A 116 -12.49 25.64 20.79
N LEU A 117 -13.13 24.47 20.75
CA LEU A 117 -13.82 24.05 19.52
C LEU A 117 -14.86 25.06 19.06
N ASN A 118 -15.68 25.56 19.98
CA ASN A 118 -16.60 26.63 19.57
C ASN A 118 -15.89 27.84 18.97
N VAL A 119 -14.76 28.18 19.59
CA VAL A 119 -13.98 29.35 19.09
C VAL A 119 -13.52 29.09 17.65
N GLY A 120 -13.11 27.86 17.45
CA GLY A 120 -12.60 27.42 16.14
C GLY A 120 -13.66 27.49 15.09
N PHE A 121 -14.87 27.03 15.42
CA PHE A 121 -16.00 27.14 14.48
C PHE A 121 -16.22 28.56 14.08
N GLN A 122 -16.29 29.41 15.09
CA GLN A 122 -16.65 30.81 14.82
C GLN A 122 -15.50 31.55 14.13
N GLU A 123 -14.25 31.31 14.55
CA GLU A 123 -13.16 32.06 13.89
C GLU A 123 -12.96 31.57 12.46
N ALA A 124 -13.09 30.28 12.20
CA ALA A 124 -12.80 29.76 10.84
C ALA A 124 -13.77 30.31 9.84
N LEU A 125 -15.02 30.49 10.26
CA LEU A 125 -16.02 30.99 9.35
C LEU A 125 -15.68 32.41 8.86
N LYS A 126 -14.83 33.11 9.62
CA LYS A 126 -14.40 34.45 9.23
C LYS A 126 -13.45 34.43 8.01
N ASP A 127 -12.76 33.30 7.81
CA ASP A 127 -11.75 33.16 6.74
C ASP A 127 -12.41 32.78 5.45
N TYR A 128 -13.47 31.99 5.49
CA TYR A 128 -13.89 31.29 4.28
C TYR A 128 -15.28 30.66 4.48
N ASP A 129 -16.02 30.51 3.41
CA ASP A 129 -17.32 29.85 3.47
C ASP A 129 -17.33 28.30 3.78
N TYR A 130 -16.79 27.88 4.92
CA TYR A 130 -16.75 26.47 5.26
C TYR A 130 -18.15 25.99 5.52
N THR A 131 -18.43 24.74 5.16
CA THR A 131 -19.75 24.17 5.42
C THR A 131 -19.69 22.89 6.21
N CYS A 132 -18.51 22.56 6.71
CA CYS A 132 -18.26 21.29 7.38
C CYS A 132 -17.13 21.52 8.42
N PHE A 133 -17.25 20.92 9.59
CA PHE A 133 -16.29 21.13 10.63
C PHE A 133 -15.87 19.80 11.15
N VAL A 134 -14.57 19.50 11.05
CA VAL A 134 -14.05 18.30 11.68
C VAL A 134 -13.43 18.74 13.01
N PHE A 135 -13.80 18.09 14.12
CA PHE A 135 -13.16 18.37 15.40
C PHE A 135 -12.32 17.18 15.83
N SER A 136 -11.01 17.42 15.98
CA SER A 136 -10.00 16.40 16.18
C SER A 136 -9.08 16.74 17.33
N ASP A 137 -8.99 15.84 18.29
CA ASP A 137 -7.90 15.87 19.24
C ASP A 137 -6.54 15.84 18.47
N VAL A 138 -5.50 16.35 19.10
CA VAL A 138 -4.24 16.59 18.43
C VAL A 138 -3.44 15.25 18.34
N ASP A 139 -3.85 14.23 19.10
CA ASP A 139 -3.04 13.04 19.22
C ASP A 139 -3.70 11.86 18.53
N LEU A 140 -4.54 12.08 17.52
CA LEU A 140 -5.31 10.98 16.93
C LEU A 140 -5.03 10.97 15.45
N ILE A 141 -4.59 9.81 14.94
CA ILE A 141 -4.17 9.67 13.58
C ILE A 141 -4.89 8.50 12.97
N PRO A 142 -5.49 8.75 11.80
CA PRO A 142 -6.34 7.75 11.17
C PRO A 142 -5.43 6.75 10.47
N MET A 143 -5.73 5.44 10.55
CA MET A 143 -4.88 4.48 9.86
C MET A 143 -5.33 4.11 8.46
N ASN A 144 -6.42 4.70 7.98
CA ASN A 144 -6.95 4.31 6.68
C ASN A 144 -7.53 5.52 5.97
N ASP A 145 -6.98 5.88 4.82
CA ASP A 145 -7.41 7.13 4.25
C ASP A 145 -8.81 7.02 3.69
N HIS A 146 -9.42 5.85 3.81
CA HIS A 146 -10.82 5.74 3.44
C HIS A 146 -11.78 6.31 4.50
N ASN A 147 -11.27 6.51 5.73
CA ASN A 147 -11.98 7.21 6.77
C ASN A 147 -12.14 8.71 6.44
N ALA A 148 -13.30 9.09 5.89
CA ALA A 148 -13.47 10.41 5.28
C ALA A 148 -13.55 11.52 6.32
N TYR A 149 -12.71 12.55 6.15
CA TYR A 149 -12.59 13.66 7.10
C TYR A 149 -13.44 14.80 6.59
N ARG A 150 -14.72 14.51 6.41
CA ARG A 150 -15.66 15.47 5.86
C ARG A 150 -17.06 15.15 6.40
N CYS A 151 -18.05 15.92 5.97
CA CYS A 151 -19.34 15.82 6.60
C CYS A 151 -20.34 14.91 5.84
N PHE A 152 -21.28 14.32 6.59
CA PHE A 152 -22.34 13.52 6.02
C PHE A 152 -23.72 14.10 6.33
N SER A 153 -24.80 13.41 5.99
CA SER A 153 -26.14 13.96 6.16
C SER A 153 -26.58 13.82 7.64
N GLN A 154 -25.81 13.04 8.40
CA GLN A 154 -25.84 13.02 9.87
C GLN A 154 -24.47 13.32 10.48
N PRO A 155 -24.41 13.69 11.77
CA PRO A 155 -23.15 13.87 12.45
C PRO A 155 -22.39 12.60 12.32
N ARG A 156 -21.07 12.72 12.22
CA ARG A 156 -20.13 11.69 11.76
C ARG A 156 -19.11 11.50 12.84
N HIS A 157 -19.03 10.30 13.42
CA HIS A 157 -18.01 10.00 14.41
C HIS A 157 -16.91 9.31 13.61
N ILE A 158 -15.66 9.81 13.65
CA ILE A 158 -14.58 9.37 12.71
C ILE A 158 -13.65 8.41 13.42
N SER A 159 -13.33 8.69 14.67
CA SER A 159 -12.34 7.90 15.35
C SER A 159 -12.98 6.72 16.09
N VAL A 160 -13.56 5.79 15.32
CA VAL A 160 -14.42 4.75 15.92
C VAL A 160 -13.66 3.54 16.41
N ALA A 161 -12.40 3.34 16.00
CA ALA A 161 -11.69 2.13 16.42
C ALA A 161 -10.27 2.44 16.84
N MET A 162 -10.15 2.99 18.03
CA MET A 162 -8.90 3.53 18.52
C MET A 162 -8.13 2.45 19.22
N ASP A 163 -6.82 2.41 18.95
CA ASP A 163 -6.01 1.36 19.58
C ASP A 163 -6.18 1.40 21.07
N LYS A 164 -6.25 2.59 21.66
CA LYS A 164 -6.30 2.67 23.10
C LYS A 164 -7.58 2.11 23.69
N PHE A 165 -8.58 1.85 22.86
CA PHE A 165 -9.79 1.18 23.33
C PHE A 165 -9.89 -0.24 22.79
N GLY A 166 -8.76 -0.82 22.36
CA GLY A 166 -8.79 -2.16 21.77
C GLY A 166 -9.45 -2.21 20.39
N PHE A 167 -9.31 -1.14 19.63
CA PHE A 167 -9.90 -1.17 18.30
C PHE A 167 -11.42 -1.30 18.24
N SER A 168 -12.13 -0.86 19.28
CA SER A 168 -13.58 -0.64 19.12
C SER A 168 -14.10 0.58 19.90
N LEU A 169 -15.41 0.81 19.84
CA LEU A 169 -15.98 1.86 20.67
C LEU A 169 -15.85 1.47 22.13
N PRO A 170 -15.48 2.42 23.02
CA PRO A 170 -15.54 2.10 24.45
C PRO A 170 -16.99 1.92 24.92
N TYR A 171 -17.92 2.63 24.31
CA TYR A 171 -19.35 2.33 24.49
C TYR A 171 -20.02 2.86 23.24
N VAL A 172 -21.23 2.41 22.98
CA VAL A 172 -21.81 2.64 21.65
C VAL A 172 -22.26 4.07 21.47
N GLN A 173 -22.54 4.78 22.56
CA GLN A 173 -22.73 6.26 22.39
C GLN A 173 -21.48 7.16 22.45
N TYR A 174 -20.28 6.58 22.44
CA TYR A 174 -19.05 7.39 22.49
C TYR A 174 -18.95 8.20 21.23
N PHE A 175 -18.74 9.50 21.41
CA PHE A 175 -18.61 10.40 20.26
C PHE A 175 -17.29 11.20 20.40
N GLY A 176 -16.32 10.69 21.14
CA GLY A 176 -15.12 11.47 21.35
C GLY A 176 -14.08 11.31 20.26
N GLY A 177 -12.99 12.05 20.40
CA GLY A 177 -11.82 11.88 19.57
C GLY A 177 -11.83 12.77 18.38
N VAL A 178 -12.51 12.35 17.34
CA VAL A 178 -12.50 13.00 16.08
C VAL A 178 -13.93 12.80 15.62
N SER A 179 -14.62 13.91 15.31
CA SER A 179 -15.95 13.86 14.71
C SER A 179 -16.06 14.93 13.63
N ALA A 180 -17.17 14.92 12.90
CA ALA A 180 -17.42 15.92 11.90
C ALA A 180 -18.89 16.28 11.90
N LEU A 181 -19.16 17.57 11.83
CA LEU A 181 -20.54 18.12 11.84
C LEU A 181 -20.64 19.13 10.73
N SER A 182 -21.68 19.09 9.91
CA SER A 182 -21.91 20.16 8.91
C SER A 182 -22.15 21.47 9.66
N LYS A 183 -22.07 22.60 8.96
CA LYS A 183 -22.40 23.86 9.54
C LYS A 183 -23.80 23.81 10.19
N GLN A 184 -24.77 23.27 9.44
CA GLN A 184 -26.15 23.25 9.88
C GLN A 184 -26.36 22.36 11.09
N GLN A 185 -25.70 21.22 11.11
CA GLN A 185 -25.86 20.38 12.25
C GLN A 185 -25.30 21.10 13.44
N PHE A 186 -24.15 21.75 13.27
CA PHE A 186 -23.52 22.39 14.43
C PHE A 186 -24.40 23.60 14.93
N LEU A 187 -24.96 24.35 14.00
CA LEU A 187 -25.89 25.45 14.40
C LEU A 187 -27.13 24.90 15.12
N THR A 188 -27.62 23.79 14.56
CA THR A 188 -28.85 23.18 15.04
C THR A 188 -28.69 22.79 16.51
N ILE A 189 -27.51 22.40 16.96
CA ILE A 189 -27.44 22.09 18.39
C ILE A 189 -26.92 23.29 19.24
N ASN A 190 -26.83 24.51 18.68
CA ASN A 190 -26.24 25.61 19.44
C ASN A 190 -24.76 25.30 19.77
N GLY A 191 -24.08 24.53 18.91
CA GLY A 191 -22.67 24.20 19.15
C GLY A 191 -22.43 23.40 20.41
N PHE A 192 -21.19 23.50 20.94
CA PHE A 192 -20.81 22.69 22.06
C PHE A 192 -21.06 23.44 23.33
N PRO A 193 -21.13 22.72 24.41
CA PRO A 193 -21.22 23.42 25.68
C PRO A 193 -19.87 24.16 26.04
N ASN A 194 -20.01 25.31 26.73
CA ASN A 194 -18.90 26.22 27.14
C ASN A 194 -18.40 25.94 28.51
N ASN A 195 -19.19 25.23 29.29
CA ASN A 195 -18.86 25.06 30.70
C ASN A 195 -18.34 23.67 31.16
N TYR A 196 -17.77 22.86 30.25
CA TYR A 196 -17.09 21.64 30.67
C TYR A 196 -15.59 21.91 30.82
N TRP A 197 -15.15 22.18 32.06
CA TRP A 197 -13.80 22.70 32.36
C TRP A 197 -13.08 21.49 32.90
N GLY A 198 -11.84 21.23 32.43
CA GLY A 198 -11.20 19.98 32.84
C GLY A 198 -11.73 18.75 32.08
N TRP A 199 -11.13 17.58 32.28
CA TRP A 199 -11.35 16.44 31.39
C TRP A 199 -12.76 15.86 31.57
N GLY A 200 -13.41 15.54 30.46
CA GLY A 200 -14.49 14.52 30.52
C GLY A 200 -15.90 15.04 30.32
N GLY A 201 -16.71 14.25 29.59
CA GLY A 201 -18.14 14.52 29.46
C GLY A 201 -18.63 15.40 28.30
N GLU A 202 -17.81 16.36 27.83
CA GLU A 202 -18.33 17.33 26.87
C GLU A 202 -18.70 16.64 25.59
N ASP A 203 -18.00 15.54 25.26
CA ASP A 203 -18.34 14.76 24.05
C ASP A 203 -19.70 14.02 24.21
N ASP A 204 -19.98 13.56 25.41
CA ASP A 204 -21.27 12.95 25.73
C ASP A 204 -22.41 13.95 25.66
N ASP A 205 -22.11 15.18 26.11
CA ASP A 205 -23.07 16.25 26.07
C ASP A 205 -23.42 16.55 24.66
N ILE A 206 -22.37 16.58 23.81
CA ILE A 206 -22.53 16.85 22.36
C ILE A 206 -23.36 15.71 21.74
N PHE A 207 -23.06 14.46 22.07
CA PHE A 207 -23.95 13.33 21.66
C PHE A 207 -25.43 13.58 22.05
N ASN A 208 -25.67 13.80 23.35
CA ASN A 208 -26.99 14.19 23.83
C ASN A 208 -27.63 15.29 23.00
N ARG A 209 -26.88 16.35 22.76
CA ARG A 209 -27.44 17.41 21.96
C ARG A 209 -27.89 16.85 20.62
N LEU A 210 -27.07 16.07 19.94
CA LEU A 210 -27.45 15.67 18.56
C LEU A 210 -28.77 14.86 18.64
N VAL A 211 -28.87 14.01 19.63
CA VAL A 211 -30.00 13.14 19.75
C VAL A 211 -31.25 13.98 20.05
N PHE A 212 -31.10 14.94 20.97
CA PHE A 212 -32.23 15.78 21.32
C PHE A 212 -32.63 16.59 20.13
N ARG A 213 -31.80 16.67 19.09
CA ARG A 213 -32.29 17.40 17.96
C ARG A 213 -32.66 16.49 16.79
N GLY A 214 -32.89 15.20 17.06
CA GLY A 214 -33.48 14.37 16.01
C GLY A 214 -32.44 13.76 15.09
N MET A 215 -31.17 13.75 15.49
CA MET A 215 -30.11 13.24 14.65
C MET A 215 -29.59 11.93 15.14
N SER A 216 -28.78 11.25 14.34
CA SER A 216 -28.09 10.08 14.87
C SER A 216 -26.66 10.01 14.32
N ILE A 217 -25.80 9.21 14.93
CA ILE A 217 -24.42 9.06 14.56
C ILE A 217 -24.17 8.17 13.33
N SER A 218 -23.60 8.74 12.29
CA SER A 218 -23.04 8.02 11.16
C SER A 218 -21.56 7.61 11.50
N ARG A 219 -21.17 6.41 11.09
CA ARG A 219 -19.83 5.89 11.36
C ARG A 219 -19.24 5.10 10.16
N PRO A 220 -17.93 5.16 9.98
CA PRO A 220 -17.38 4.18 9.01
C PRO A 220 -17.30 2.82 9.69
N ASN A 221 -17.06 1.72 8.96
CA ASN A 221 -16.88 0.41 9.67
C ASN A 221 -15.63 0.43 10.54
N ALA A 222 -15.54 -0.51 11.47
CA ALA A 222 -14.43 -0.55 12.39
C ALA A 222 -13.07 -0.74 11.74
N VAL A 223 -13.03 -1.25 10.55
CA VAL A 223 -11.70 -1.55 10.06
C VAL A 223 -11.22 -0.23 9.46
N VAL A 224 -12.07 0.39 8.66
CA VAL A 224 -11.74 1.65 8.04
C VAL A 224 -11.52 2.75 9.08
N GLY A 225 -12.09 2.64 10.28
CA GLY A 225 -12.08 3.75 11.26
C GLY A 225 -11.00 3.53 12.29
N THR A 226 -10.14 2.54 12.02
CA THR A 226 -8.96 2.29 12.85
C THR A 226 -8.10 3.54 12.99
N THR A 227 -7.76 3.82 14.24
CA THR A 227 -7.11 5.08 14.58
C THR A 227 -6.04 4.91 15.63
N ARG A 228 -4.95 5.67 15.49
CA ARG A 228 -3.87 5.57 16.46
C ARG A 228 -3.87 6.75 17.39
N HIS A 229 -3.76 6.48 18.68
CA HIS A 229 -3.58 7.52 19.69
C HIS A 229 -2.14 7.63 20.20
N ILE A 230 -1.51 8.80 20.07
CA ILE A 230 -0.16 8.97 20.61
C ILE A 230 -0.17 8.81 22.13
N ARG A 231 0.48 7.79 22.63
CA ARG A 231 0.45 7.51 24.06
C ARG A 231 1.04 8.69 24.80
N HIS A 232 0.44 9.12 25.90
CA HIS A 232 0.91 10.32 26.58
C HIS A 232 0.41 10.31 27.99
N SER A 233 1.01 11.16 28.84
CA SER A 233 0.63 11.22 30.26
C SER A 233 -0.25 12.42 30.53
N ARG A 234 -0.70 12.58 31.77
CA ARG A 234 -1.67 13.63 32.09
C ARG A 234 -1.08 15.00 31.83
N ASP A 235 -1.85 15.88 31.19
CA ASP A 235 -1.46 17.28 31.16
C ASP A 235 -1.89 17.83 32.51
N LYS A 236 -1.12 18.77 33.04
CA LYS A 236 -1.54 19.50 34.24
C LYS A 236 -2.64 20.43 33.75
N LYS A 237 -3.58 20.77 34.64
CA LYS A 237 -4.60 21.79 34.38
C LYS A 237 -5.76 21.25 33.55
N ASN A 238 -6.03 19.95 33.65
CA ASN A 238 -7.15 19.31 32.93
C ASN A 238 -7.59 18.05 33.69
N GLU A 239 -7.79 18.27 34.99
CA GLU A 239 -8.24 17.28 35.93
C GLU A 239 -9.64 16.86 35.53
N PRO A 240 -9.99 15.58 35.81
CA PRO A 240 -11.37 15.15 35.58
C PRO A 240 -12.35 16.10 36.25
N ASN A 241 -13.21 16.69 35.45
CA ASN A 241 -14.26 17.52 35.96
C ASN A 241 -15.21 16.67 36.79
N PRO A 242 -15.23 16.90 38.12
CA PRO A 242 -16.11 16.11 39.02
C PRO A 242 -17.61 16.43 38.81
N GLN A 243 -17.93 17.51 38.11
CA GLN A 243 -19.34 17.82 37.86
C GLN A 243 -19.90 17.26 36.55
N ARG A 244 -19.08 16.49 35.85
CA ARG A 244 -19.41 16.06 34.49
C ARG A 244 -20.67 15.15 34.38
N PHE A 245 -20.89 14.29 35.38
CA PHE A 245 -22.00 13.34 35.37
C PHE A 245 -23.33 14.07 35.56
N ASP A 246 -23.32 15.07 36.44
CA ASP A 246 -24.47 15.94 36.62
C ASP A 246 -24.74 16.75 35.40
N ARG A 247 -23.70 17.26 34.79
CA ARG A 247 -23.85 18.09 33.63
C ARG A 247 -24.42 17.36 32.41
N ILE A 248 -23.94 16.16 32.07
CA ILE A 248 -24.48 15.43 30.92
C ILE A 248 -25.91 14.94 31.19
N ALA A 249 -26.31 14.86 32.46
CA ALA A 249 -27.72 14.54 32.74
C ALA A 249 -28.69 15.69 32.43
N HIS A 250 -28.20 16.90 32.18
CA HIS A 250 -29.14 18.00 32.04
C HIS A 250 -29.03 18.69 30.71
N THR A 251 -28.32 18.09 29.78
CA THR A 251 -28.03 18.70 28.48
C THR A 251 -29.26 19.24 27.79
N LYS A 252 -30.37 18.53 27.91
CA LYS A 252 -31.52 18.94 27.14
C LYS A 252 -31.96 20.35 27.54
N GLU A 253 -31.97 20.62 28.84
CA GLU A 253 -32.29 21.96 29.31
C GLU A 253 -31.12 22.95 29.01
N THR A 254 -29.90 22.59 29.40
CA THR A 254 -28.81 23.55 29.35
C THR A 254 -28.37 23.93 27.96
N MET A 255 -28.62 23.08 26.98
CA MET A 255 -28.16 23.34 25.62
C MET A 255 -28.88 24.50 25.00
N LEU A 256 -30.07 24.77 25.49
CA LEU A 256 -30.86 25.90 24.98
C LEU A 256 -30.14 27.25 25.12
N SER A 257 -29.34 27.39 26.16
CA SER A 257 -28.79 28.71 26.34
C SER A 257 -27.28 28.64 26.66
N ASP A 258 -26.65 27.50 26.41
CA ASP A 258 -25.21 27.31 26.67
C ASP A 258 -24.55 26.72 25.44
N GLY A 259 -23.72 27.51 24.79
CA GLY A 259 -23.22 27.18 23.45
C GLY A 259 -22.88 28.41 22.66
N LEU A 260 -23.12 28.38 21.36
CA LEU A 260 -22.74 29.49 20.52
C LEU A 260 -23.48 30.71 21.01
N ASN A 261 -24.69 30.50 21.48
CA ASN A 261 -25.49 31.66 21.77
C ASN A 261 -25.09 32.19 23.16
N SER A 262 -24.08 31.63 23.80
CA SER A 262 -23.66 32.24 25.04
C SER A 262 -22.14 32.38 25.10
N LEU A 263 -21.50 32.39 23.93
CA LEU A 263 -20.04 32.36 23.83
C LEU A 263 -19.45 33.77 23.77
N THR A 264 -18.44 34.01 24.61
CA THR A 264 -17.45 35.06 24.31
C THR A 264 -16.05 34.56 24.61
N TYR A 265 -15.07 35.34 24.14
CA TYR A 265 -13.64 34.99 24.19
C TYR A 265 -12.82 36.17 23.61
N GLN A 266 -11.52 36.17 23.88
CA GLN A 266 -10.76 37.25 23.32
C GLN A 266 -9.58 36.60 22.58
N VAL A 267 -9.56 36.75 21.26
CA VAL A 267 -8.44 36.27 20.46
C VAL A 267 -7.25 37.19 20.71
N LEU A 268 -6.17 36.63 21.24
CA LEU A 268 -4.89 37.38 21.46
C LEU A 268 -4.01 37.46 20.22
N ASP A 269 -3.93 36.35 19.48
CA ASP A 269 -3.01 36.28 18.37
C ASP A 269 -3.46 35.32 17.25
N VAL A 270 -3.22 35.67 16.00
CA VAL A 270 -3.50 34.80 14.86
C VAL A 270 -2.20 34.63 14.05
N GLN A 271 -1.57 33.46 14.12
CA GLN A 271 -0.36 33.12 13.33
C GLN A 271 -0.71 32.27 12.09
N ARG A 272 -0.38 32.73 10.89
CA ARG A 272 -0.41 31.88 9.68
C ARG A 272 0.89 31.10 9.42
N TYR A 273 1.09 29.97 10.09
CA TYR A 273 2.13 29.10 9.68
C TYR A 273 1.90 28.41 8.34
N PRO A 274 2.97 27.80 7.77
CA PRO A 274 2.73 27.21 6.44
C PRO A 274 1.77 26.00 6.52
N LEU A 275 1.83 25.23 7.58
CA LEU A 275 0.95 24.08 7.62
C LEU A 275 -0.35 24.23 8.47
N TYR A 276 -0.57 25.39 9.09
CA TYR A 276 -1.80 25.64 9.89
C TYR A 276 -1.92 27.07 10.34
N THR A 277 -3.14 27.48 10.65
CA THR A 277 -3.43 28.73 11.31
C THR A 277 -3.56 28.46 12.79
N GLN A 278 -2.82 29.22 13.59
CA GLN A 278 -2.93 29.09 15.03
C GLN A 278 -3.56 30.34 15.66
N ILE A 279 -4.66 30.12 16.37
CA ILE A 279 -5.43 31.18 16.95
C ILE A 279 -5.20 31.03 18.43
N THR A 280 -4.52 32.02 19.02
CA THR A 280 -4.29 31.98 20.45
C THR A 280 -5.41 32.80 21.11
N VAL A 281 -6.08 32.22 22.10
CA VAL A 281 -7.34 32.80 22.55
C VAL A 281 -7.50 32.75 24.08
N ASP A 282 -8.00 33.85 24.62
CA ASP A 282 -8.32 33.89 26.04
C ASP A 282 -9.78 33.49 26.14
N ILE A 283 -10.00 32.33 26.75
CA ILE A 283 -11.37 31.80 26.92
C ILE A 283 -11.78 31.86 28.38
N GLY A 284 -10.94 32.45 29.23
CA GLY A 284 -11.39 32.88 30.55
C GLY A 284 -11.31 31.72 31.48
N THR A 285 -12.01 31.84 32.60
CA THR A 285 -12.03 30.84 33.67
C THR A 285 -13.52 30.60 34.09
N PRO A 286 -13.79 29.57 34.92
CA PRO A 286 -15.20 29.27 35.14
C PRO A 286 -15.97 30.42 35.76
N SER A 287 -17.14 30.71 35.21
CA SER A 287 -18.02 31.70 35.76
C SER A 287 -19.23 31.08 36.46
N SER B 15 -9.87 -6.27 32.42
CA SER B 15 -8.53 -5.94 31.80
C SER B 15 -8.67 -5.83 30.28
N LEU B 16 -7.62 -6.19 29.53
CA LEU B 16 -7.62 -6.08 28.06
C LEU B 16 -8.73 -6.85 27.31
N PRO B 17 -9.34 -6.20 26.31
CA PRO B 17 -10.30 -6.89 25.41
C PRO B 17 -9.63 -7.93 24.50
N ALA B 18 -10.38 -8.89 23.98
CA ALA B 18 -9.84 -9.78 22.96
C ALA B 18 -9.55 -8.96 21.67
N CYS B 19 -8.46 -9.27 20.98
CA CYS B 19 -8.20 -8.60 19.70
C CYS B 19 -9.36 -8.98 18.77
N PRO B 20 -9.60 -8.16 17.74
CA PRO B 20 -10.65 -8.53 16.81
C PRO B 20 -10.23 -9.81 16.12
N GLU B 21 -11.19 -10.54 15.58
CA GLU B 21 -10.93 -11.83 14.96
C GLU B 21 -9.92 -11.78 13.85
N GLU B 22 -10.05 -10.78 12.99
CA GLU B 22 -9.06 -10.52 11.97
C GLU B 22 -8.45 -9.15 12.31
N SER B 23 -7.14 -9.03 12.19
CA SER B 23 -6.49 -7.80 12.48
C SER B 23 -6.96 -6.72 11.53
N PRO B 24 -7.35 -5.56 12.09
CA PRO B 24 -7.65 -4.37 11.31
C PRO B 24 -6.40 -3.66 10.81
N LEU B 25 -5.21 -4.11 11.16
CA LEU B 25 -4.01 -3.40 10.77
C LEU B 25 -3.39 -3.76 9.43
N LEU B 26 -3.94 -4.75 8.72
CA LEU B 26 -3.28 -5.39 7.58
C LEU B 26 -3.30 -4.50 6.36
N VAL B 27 -2.25 -4.56 5.53
CA VAL B 27 -2.16 -3.72 4.36
C VAL B 27 -2.32 -4.52 3.08
N GLY B 28 -2.33 -5.84 3.20
CA GLY B 28 -2.42 -6.76 2.01
C GLY B 28 -1.08 -7.00 1.33
N PRO B 29 -1.05 -6.91 -0.01
CA PRO B 29 0.16 -7.11 -0.81
C PRO B 29 1.22 -6.08 -0.51
N MET B 30 2.47 -6.51 -0.30
CA MET B 30 3.61 -5.68 0.08
C MET B 30 4.72 -5.89 -0.94
N LEU B 31 5.76 -5.06 -0.90
CA LEU B 31 6.82 -5.14 -1.88
C LEU B 31 7.98 -5.86 -1.23
N ILE B 32 8.56 -6.86 -1.88
CA ILE B 32 9.57 -7.71 -1.24
C ILE B 32 10.82 -7.70 -2.10
N GLU B 33 11.96 -7.33 -1.50
CA GLU B 33 13.24 -7.21 -2.21
C GLU B 33 14.45 -7.73 -1.41
N PHE B 34 15.38 -8.33 -2.14
CA PHE B 34 16.57 -8.88 -1.53
C PHE B 34 17.87 -8.39 -2.18
N ASN B 35 17.96 -7.11 -2.51
CA ASN B 35 19.24 -6.62 -3.07
C ASN B 35 19.83 -5.47 -2.25
N MET B 36 19.55 -5.45 -0.97
CA MET B 36 20.08 -4.40 -0.12
C MET B 36 20.61 -5.11 1.11
N PRO B 37 21.60 -4.51 1.74
CA PRO B 37 22.02 -5.18 2.96
C PRO B 37 21.02 -4.85 4.08
N VAL B 38 21.06 -5.64 5.14
CA VAL B 38 20.12 -5.51 6.23
C VAL B 38 20.96 -5.42 7.47
N ASP B 39 20.66 -4.48 8.33
CA ASP B 39 21.36 -4.37 9.59
C ASP B 39 20.35 -4.65 10.70
N LEU B 40 20.52 -5.76 11.41
CA LEU B 40 19.65 -6.16 12.52
C LEU B 40 19.55 -5.18 13.70
N GLU B 41 20.50 -4.25 13.81
CA GLU B 41 20.39 -3.25 14.85
C GLU B 41 19.36 -2.24 14.41
N LEU B 42 19.38 -1.87 13.14
CA LEU B 42 18.35 -1.01 12.57
C LEU B 42 16.96 -1.68 12.65
N VAL B 43 16.90 -2.96 12.31
CA VAL B 43 15.66 -3.72 12.37
C VAL B 43 15.09 -3.68 13.76
N ALA B 44 15.93 -3.89 14.76
CA ALA B 44 15.40 -3.87 16.14
C ALA B 44 14.88 -2.44 16.50
N LYS B 45 15.52 -1.39 15.95
CA LYS B 45 15.03 -0.04 16.23
C LYS B 45 13.78 0.32 15.42
N GLN B 46 13.66 -0.25 14.23
CA GLN B 46 12.40 -0.17 13.52
C GLN B 46 11.28 -1.05 14.14
N ASN B 47 11.62 -1.94 15.06
CA ASN B 47 10.65 -2.81 15.71
C ASN B 47 10.77 -2.82 17.20
N PRO B 48 10.48 -1.65 17.83
CA PRO B 48 10.82 -1.47 19.24
C PRO B 48 9.98 -2.28 20.16
N ASN B 49 8.78 -2.67 19.72
CA ASN B 49 7.90 -3.46 20.62
C ASN B 49 8.27 -4.93 20.75
N VAL B 50 9.15 -5.38 19.86
CA VAL B 50 9.75 -6.70 19.98
C VAL B 50 10.75 -6.77 21.11
N LYS B 51 10.48 -7.67 22.04
CA LYS B 51 11.26 -7.79 23.21
C LYS B 51 12.31 -8.89 23.03
N MET B 52 13.22 -8.96 24.00
CA MET B 52 14.36 -9.90 23.96
C MET B 52 13.95 -11.33 23.65
N GLY B 53 14.74 -11.98 22.82
CA GLY B 53 14.36 -13.30 22.37
C GLY B 53 13.45 -13.28 21.17
N GLY B 54 13.17 -12.12 20.60
CA GLY B 54 12.22 -12.00 19.51
C GLY B 54 10.75 -12.26 19.87
N ARG B 55 10.29 -11.73 20.99
CA ARG B 55 8.99 -12.05 21.54
C ARG B 55 8.14 -10.81 21.42
N TYR B 56 6.87 -10.98 21.07
CA TYR B 56 5.98 -9.83 21.01
C TYR B 56 4.56 -10.21 21.34
N ALA B 57 3.82 -9.31 22.00
CA ALA B 57 2.36 -9.51 22.09
C ALA B 57 1.72 -8.11 22.02
N PRO B 58 0.52 -7.99 21.39
CA PRO B 58 -0.10 -6.66 21.35
C PRO B 58 -0.35 -6.02 22.75
N ARG B 59 -0.18 -4.72 22.82
CA ARG B 59 -0.32 -3.94 24.04
C ARG B 59 -1.80 -3.64 24.29
N ASP B 60 -2.58 -3.52 23.25
CA ASP B 60 -3.98 -3.09 23.40
C ASP B 60 -5.05 -4.20 23.47
N CYS B 61 -4.69 -5.47 23.24
CA CYS B 61 -5.70 -6.54 23.18
C CYS B 61 -5.07 -7.88 23.35
N VAL B 62 -5.87 -8.86 23.77
CA VAL B 62 -5.40 -10.21 24.01
C VAL B 62 -5.58 -11.04 22.75
N SER B 63 -4.48 -11.66 22.33
CA SER B 63 -4.50 -12.54 21.19
C SER B 63 -4.76 -13.98 21.65
N PRO B 64 -5.64 -14.69 20.91
CA PRO B 64 -5.79 -16.15 21.11
C PRO B 64 -4.64 -16.94 20.41
N HIS B 65 -3.91 -16.30 19.51
CA HIS B 65 -2.82 -17.00 18.83
C HIS B 65 -1.51 -16.83 19.59
N LYS B 66 -1.08 -17.92 20.19
CA LYS B 66 0.13 -18.01 20.96
C LYS B 66 1.07 -18.91 20.14
N VAL B 67 1.91 -18.22 19.35
CA VAL B 67 2.55 -18.82 18.20
C VAL B 67 4.04 -18.91 18.37
N ALA B 68 4.60 -20.10 18.31
CA ALA B 68 6.09 -20.21 18.19
C ALA B 68 6.44 -20.38 16.71
N ILE B 69 7.31 -19.52 16.20
CA ILE B 69 7.77 -19.70 14.84
C ILE B 69 9.14 -20.37 14.84
N ILE B 70 9.27 -21.53 14.16
CA ILE B 70 10.46 -22.34 14.24
C ILE B 70 11.17 -22.35 12.90
N ILE B 71 12.48 -22.10 12.89
CA ILE B 71 13.17 -22.02 11.61
C ILE B 71 14.35 -22.95 11.69
N PRO B 72 14.42 -23.91 10.77
CA PRO B 72 15.49 -24.87 10.88
C PRO B 72 16.66 -24.21 10.26
N PHE B 73 17.86 -24.46 10.82
CA PHE B 73 19.03 -23.59 10.42
C PHE B 73 20.42 -24.14 10.52
N ARG B 74 21.21 -23.81 9.49
CA ARG B 74 22.67 -23.81 9.55
C ARG B 74 23.19 -22.96 8.45
N ASN B 75 24.15 -22.08 8.78
CA ASN B 75 24.86 -21.21 7.83
C ASN B 75 23.99 -20.42 6.90
N ARG B 76 22.96 -19.78 7.41
CA ARG B 76 22.07 -18.98 6.56
C ARG B 76 21.81 -17.58 7.14
N GLN B 77 22.85 -16.99 7.71
CA GLN B 77 22.68 -15.77 8.43
C GLN B 77 22.15 -14.70 7.50
N GLU B 78 22.68 -14.59 6.29
CA GLU B 78 22.17 -13.57 5.34
C GLU B 78 20.67 -13.75 5.11
N HIS B 79 20.20 -14.99 4.91
CA HIS B 79 18.75 -15.19 4.78
C HIS B 79 17.96 -14.81 6.02
N LEU B 80 18.39 -15.25 7.19
CA LEU B 80 17.69 -14.91 8.38
C LEU B 80 17.53 -13.38 8.52
N LYS B 81 18.52 -12.61 8.08
CA LYS B 81 18.42 -11.16 8.31
C LYS B 81 17.26 -10.61 7.48
N TYR B 82 17.13 -11.09 6.24
CA TYR B 82 15.98 -10.74 5.42
C TYR B 82 14.67 -11.26 6.06
N TRP B 83 14.72 -12.46 6.59
CA TRP B 83 13.52 -13.01 7.17
C TRP B 83 12.99 -12.12 8.33
N LEU B 84 13.87 -11.80 9.26
CA LEU B 84 13.54 -10.99 10.38
C LEU B 84 13.05 -9.57 9.97
N TYR B 85 13.70 -8.97 9.00
CA TYR B 85 13.30 -7.71 8.43
C TYR B 85 11.89 -7.68 7.91
N TYR B 86 11.53 -8.71 7.12
CA TYR B 86 10.19 -8.83 6.56
C TYR B 86 9.14 -9.35 7.52
N LEU B 87 9.43 -10.45 8.22
CA LEU B 87 8.40 -11.05 9.04
C LEU B 87 8.06 -10.23 10.26
N HIS B 88 9.03 -9.63 10.95
CA HIS B 88 8.64 -8.99 12.19
C HIS B 88 7.49 -7.96 12.05
N PRO B 89 7.56 -7.07 11.05
CA PRO B 89 6.43 -6.12 10.98
C PRO B 89 5.11 -6.83 10.70
N VAL B 90 5.17 -7.83 9.83
CA VAL B 90 4.01 -8.70 9.52
C VAL B 90 3.38 -9.34 10.72
N LEU B 91 4.17 -10.02 11.51
CA LEU B 91 3.60 -10.77 12.64
C LEU B 91 2.98 -9.81 13.64
N GLN B 92 3.54 -8.59 13.77
CA GLN B 92 2.99 -7.60 14.67
C GLN B 92 1.66 -7.11 14.13
N ARG B 93 1.60 -6.81 12.84
CA ARG B 93 0.37 -6.38 12.25
C ARG B 93 -0.73 -7.44 12.36
N GLN B 94 -0.34 -8.71 12.44
CA GLN B 94 -1.32 -9.78 12.61
C GLN B 94 -1.76 -9.96 14.04
N GLN B 95 -1.23 -9.13 14.95
CA GLN B 95 -1.71 -9.15 16.33
C GLN B 95 -1.57 -10.46 17.03
N LEU B 96 -0.48 -11.14 16.75
CA LEU B 96 -0.11 -12.41 17.37
C LEU B 96 0.72 -12.20 18.62
N ASP B 97 0.64 -13.18 19.51
CA ASP B 97 1.48 -13.31 20.70
C ASP B 97 2.49 -14.38 20.24
N TYR B 98 3.64 -13.95 19.72
CA TYR B 98 4.60 -14.88 19.13
C TYR B 98 6.03 -14.80 19.68
N GLY B 99 6.81 -15.80 19.28
CA GLY B 99 8.23 -15.92 19.56
C GLY B 99 8.94 -16.54 18.36
N ILE B 100 10.18 -16.12 18.06
CA ILE B 100 10.95 -16.64 16.96
C ILE B 100 12.04 -17.57 17.46
N TYR B 101 12.16 -18.77 16.87
CA TYR B 101 13.18 -19.73 17.27
C TYR B 101 13.91 -20.23 16.02
N VAL B 102 15.20 -19.89 15.99
CA VAL B 102 16.18 -20.45 15.04
C VAL B 102 16.84 -21.66 15.70
N ILE B 103 16.60 -22.84 15.12
CA ILE B 103 17.17 -24.13 15.58
C ILE B 103 18.39 -24.36 14.69
N ASN B 104 19.56 -24.08 15.24
CA ASN B 104 20.80 -24.06 14.47
C ASN B 104 21.43 -25.45 14.66
N GLN B 105 21.55 -26.14 13.54
CA GLN B 105 22.22 -27.45 13.57
C GLN B 105 23.72 -27.34 13.83
N ALA B 106 24.20 -27.89 14.95
CA ALA B 106 25.67 -27.85 15.22
C ALA B 106 26.44 -28.83 14.33
N GLY B 107 27.70 -28.53 13.98
CA GLY B 107 28.64 -29.52 13.47
C GLY B 107 28.59 -29.42 11.98
N ASP B 108 29.32 -30.31 11.31
CA ASP B 108 29.45 -30.31 9.84
C ASP B 108 28.96 -31.56 9.07
N THR B 109 28.11 -32.34 9.72
CA THR B 109 27.54 -33.50 9.03
C THR B 109 26.18 -33.19 8.39
N ILE B 110 25.52 -34.22 7.89
CA ILE B 110 24.40 -34.02 6.98
C ILE B 110 23.21 -33.36 7.71
N PHE B 111 22.66 -32.35 7.08
CA PHE B 111 21.48 -31.66 7.61
C PHE B 111 20.24 -32.55 7.83
N ASN B 112 19.50 -32.21 8.86
CA ASN B 112 18.26 -32.90 9.09
C ASN B 112 17.18 -31.91 9.45
N ARG B 113 16.57 -31.31 8.42
CA ARG B 113 15.54 -30.34 8.64
C ARG B 113 14.44 -30.73 9.59
N ALA B 114 13.78 -31.86 9.33
CA ALA B 114 12.61 -32.24 10.13
C ALA B 114 12.97 -32.40 11.62
N LYS B 115 14.09 -33.03 11.90
CA LYS B 115 14.51 -33.20 13.29
C LYS B 115 14.73 -31.87 14.05
N LEU B 116 15.27 -30.86 13.37
CA LEU B 116 15.46 -29.54 13.95
C LEU B 116 14.07 -28.95 14.23
N LEU B 117 13.10 -29.20 13.35
CA LEU B 117 11.75 -28.68 13.64
C LEU B 117 11.22 -29.32 14.90
N ASN B 118 11.47 -30.61 15.11
CA ASN B 118 11.04 -31.29 16.38
C ASN B 118 11.67 -30.61 17.62
N VAL B 119 12.97 -30.33 17.54
CA VAL B 119 13.65 -29.68 18.63
C VAL B 119 12.97 -28.33 18.90
N GLY B 120 12.74 -27.53 17.85
CA GLY B 120 12.00 -26.30 18.00
C GLY B 120 10.75 -26.46 18.82
N PHE B 121 9.92 -27.44 18.47
CA PHE B 121 8.63 -27.62 19.13
C PHE B 121 8.92 -27.87 20.59
N GLN B 122 9.81 -28.82 20.86
CA GLN B 122 9.97 -29.24 22.23
C GLN B 122 10.61 -28.13 23.06
N GLU B 123 11.55 -27.40 22.48
CA GLU B 123 12.27 -26.37 23.22
C GLU B 123 11.47 -25.09 23.43
N ALA B 124 10.76 -24.61 22.41
CA ALA B 124 9.88 -23.47 22.52
C ALA B 124 8.89 -23.64 23.66
N LEU B 125 8.38 -24.86 23.83
CA LEU B 125 7.40 -25.08 24.90
C LEU B 125 7.99 -24.87 26.30
N LYS B 126 9.33 -24.90 26.42
CA LYS B 126 9.97 -24.65 27.76
C LYS B 126 9.91 -23.18 28.21
N ASP B 127 9.75 -22.27 27.24
CA ASP B 127 9.64 -20.85 27.48
C ASP B 127 8.25 -20.38 27.84
N TYR B 128 7.22 -20.97 27.23
CA TYR B 128 5.87 -20.34 27.23
C TYR B 128 4.81 -21.34 26.78
N ASP B 129 3.57 -21.14 27.18
CA ASP B 129 2.53 -22.10 26.79
C ASP B 129 2.03 -21.82 25.36
N TYR B 130 2.87 -22.01 24.35
CA TYR B 130 2.46 -21.84 22.96
C TYR B 130 1.46 -22.93 22.58
N THR B 131 0.45 -22.61 21.78
CA THR B 131 -0.48 -23.61 21.32
C THR B 131 -0.51 -23.71 19.80
N CYS B 132 0.34 -22.94 19.09
CA CYS B 132 0.41 -22.97 17.64
C CYS B 132 1.86 -22.92 17.25
N PHE B 133 2.25 -23.75 16.30
CA PHE B 133 3.62 -23.80 15.80
C PHE B 133 3.67 -23.55 14.32
N VAL B 134 4.38 -22.50 13.92
CA VAL B 134 4.64 -22.22 12.51
C VAL B 134 6.05 -22.78 12.19
N PHE B 135 6.19 -23.57 11.11
CA PHE B 135 7.48 -24.08 10.68
C PHE B 135 7.85 -23.41 9.36
N SER B 136 8.87 -22.55 9.39
CA SER B 136 9.19 -21.78 8.21
C SER B 136 10.63 -22.01 7.77
N ASP B 137 10.85 -22.30 6.50
CA ASP B 137 12.21 -22.21 6.02
C ASP B 137 12.70 -20.77 6.18
N VAL B 138 14.02 -20.60 6.20
CA VAL B 138 14.62 -19.33 6.56
C VAL B 138 14.52 -18.37 5.39
N ASP B 139 14.16 -18.86 4.22
CA ASP B 139 14.32 -18.08 2.98
C ASP B 139 12.97 -17.89 2.29
N LEU B 140 11.91 -18.12 3.06
CA LEU B 140 10.58 -17.80 2.54
C LEU B 140 9.89 -16.61 3.22
N ILE B 141 9.53 -15.65 2.38
CA ILE B 141 8.93 -14.43 2.86
C ILE B 141 7.51 -14.31 2.28
N PRO B 142 6.50 -14.14 3.15
CA PRO B 142 5.15 -13.97 2.52
C PRO B 142 4.97 -12.60 1.85
N MET B 143 4.24 -12.53 0.74
CA MET B 143 4.01 -11.26 0.05
C MET B 143 2.74 -10.53 0.47
N ASN B 144 1.86 -11.20 1.23
CA ASN B 144 0.62 -10.56 1.57
C ASN B 144 0.32 -10.84 3.05
N ASP B 145 0.08 -9.80 3.84
CA ASP B 145 -0.07 -9.99 5.29
C ASP B 145 -1.45 -10.51 5.62
N HIS B 146 -2.30 -10.68 4.62
CA HIS B 146 -3.53 -11.46 4.86
C HIS B 146 -3.26 -12.96 5.06
N ASN B 147 -2.03 -13.40 4.81
CA ASN B 147 -1.63 -14.82 4.96
C ASN B 147 -1.31 -15.10 6.43
N ALA B 148 -2.29 -15.55 7.19
CA ALA B 148 -2.12 -15.66 8.64
C ALA B 148 -1.03 -16.63 9.00
N TYR B 149 -0.04 -16.18 9.75
CA TYR B 149 0.93 -17.07 10.31
C TYR B 149 0.42 -17.56 11.67
N ARG B 150 -0.72 -18.24 11.70
CA ARG B 150 -1.17 -18.92 12.93
C ARG B 150 -1.98 -20.16 12.54
N CYS B 151 -2.65 -20.77 13.52
CA CYS B 151 -3.20 -22.10 13.38
C CYS B 151 -4.69 -22.09 13.11
N PHE B 152 -5.12 -23.12 12.38
CA PHE B 152 -6.52 -23.34 12.05
C PHE B 152 -7.05 -24.64 12.62
N SER B 153 -8.31 -24.95 12.31
CA SER B 153 -8.91 -26.13 12.93
C SER B 153 -8.37 -27.34 12.19
N GLN B 154 -7.91 -27.16 10.96
CA GLN B 154 -7.10 -28.20 10.30
C GLN B 154 -5.61 -27.73 10.12
N PRO B 155 -4.66 -28.64 9.98
CA PRO B 155 -3.30 -28.17 9.77
C PRO B 155 -3.26 -27.27 8.54
N ARG B 156 -2.41 -26.24 8.57
CA ARG B 156 -2.44 -25.16 7.60
C ARG B 156 -1.14 -25.11 6.79
N HIS B 157 -1.26 -25.01 5.47
CA HIS B 157 -0.14 -24.89 4.63
C HIS B 157 -0.09 -23.43 4.19
N ILE B 158 1.03 -22.74 4.45
CA ILE B 158 1.00 -21.29 4.36
C ILE B 158 1.63 -20.84 3.05
N SER B 159 2.72 -21.47 2.61
CA SER B 159 3.44 -20.89 1.49
C SER B 159 2.88 -21.56 0.25
N VAL B 160 1.65 -21.25 -0.10
CA VAL B 160 0.96 -22.01 -1.13
C VAL B 160 1.25 -21.56 -2.55
N ALA B 161 1.82 -20.36 -2.72
CA ALA B 161 2.13 -19.97 -4.09
C ALA B 161 3.51 -19.32 -4.16
N MET B 162 4.55 -20.12 -4.01
CA MET B 162 5.93 -19.64 -4.12
C MET B 162 6.36 -19.31 -5.55
N ASP B 163 7.09 -18.19 -5.68
CA ASP B 163 7.53 -17.75 -7.00
C ASP B 163 8.28 -18.87 -7.69
N LYS B 164 9.09 -19.62 -6.94
CA LYS B 164 9.93 -20.60 -7.55
C LYS B 164 9.15 -21.82 -8.05
N PHE B 165 7.86 -21.94 -7.72
CA PHE B 165 6.98 -22.89 -8.36
C PHE B 165 5.94 -22.24 -9.29
N GLY B 166 6.28 -21.10 -9.90
CA GLY B 166 5.35 -20.50 -10.86
C GLY B 166 4.12 -19.92 -10.19
N PHE B 167 4.27 -19.56 -8.92
CA PHE B 167 3.12 -19.10 -8.14
C PHE B 167 1.96 -20.04 -8.02
N SER B 168 2.22 -21.36 -7.98
CA SER B 168 1.22 -22.29 -7.46
C SER B 168 1.82 -23.45 -6.68
N LEU B 169 1.03 -24.42 -6.25
CA LEU B 169 1.62 -25.65 -5.70
C LEU B 169 2.41 -26.46 -6.76
N PRO B 170 3.62 -26.91 -6.40
CA PRO B 170 4.26 -27.79 -7.39
C PRO B 170 3.45 -29.10 -7.59
N TYR B 171 2.80 -29.63 -6.54
CA TYR B 171 1.82 -30.75 -6.66
C TYR B 171 0.80 -30.57 -5.54
N VAL B 172 -0.43 -31.11 -5.69
CA VAL B 172 -1.49 -30.76 -4.76
C VAL B 172 -1.26 -31.27 -3.36
N GLN B 173 -0.34 -32.22 -3.16
CA GLN B 173 -0.11 -32.64 -1.75
C GLN B 173 1.09 -31.97 -1.14
N TYR B 174 1.66 -31.01 -1.86
CA TYR B 174 2.88 -30.40 -1.37
C TYR B 174 2.62 -29.67 -0.05
N PHE B 175 3.42 -29.99 0.95
CA PHE B 175 3.21 -29.39 2.24
C PHE B 175 4.53 -28.72 2.71
N GLY B 176 5.42 -28.35 1.81
CA GLY B 176 6.71 -27.81 2.27
C GLY B 176 6.71 -26.28 2.41
N GLY B 177 7.81 -25.72 2.91
CA GLY B 177 8.00 -24.28 2.91
C GLY B 177 7.59 -23.70 4.22
N VAL B 178 6.30 -23.40 4.39
CA VAL B 178 5.86 -22.77 5.62
C VAL B 178 4.55 -23.43 5.97
N SER B 179 4.43 -23.87 7.22
CA SER B 179 3.17 -24.48 7.60
C SER B 179 2.85 -24.21 9.04
N ALA B 180 1.61 -24.40 9.47
CA ALA B 180 1.29 -24.27 10.89
C ALA B 180 0.47 -25.41 11.42
N LEU B 181 0.81 -25.90 12.59
CA LEU B 181 0.08 -27.00 13.18
C LEU B 181 -0.15 -26.54 14.61
N SER B 182 -1.35 -26.72 15.15
CA SER B 182 -1.64 -26.44 16.56
C SER B 182 -0.87 -27.44 17.39
N LYS B 183 -0.63 -27.17 18.66
CA LYS B 183 -0.07 -28.16 19.56
C LYS B 183 -0.77 -29.52 19.44
N GLN B 184 -2.11 -29.54 19.47
CA GLN B 184 -2.83 -30.80 19.36
C GLN B 184 -2.56 -31.57 18.05
N GLN B 185 -2.58 -30.88 16.91
CA GLN B 185 -2.30 -31.47 15.62
C GLN B 185 -0.91 -32.11 15.60
N PHE B 186 0.10 -31.40 16.12
CA PHE B 186 1.45 -31.92 16.08
C PHE B 186 1.55 -33.14 17.03
N LEU B 187 0.93 -33.06 18.20
CA LEU B 187 1.04 -34.19 19.09
C LEU B 187 0.34 -35.42 18.48
N THR B 188 -0.79 -35.18 17.79
CA THR B 188 -1.55 -36.28 17.24
C THR B 188 -0.71 -37.06 16.23
N ILE B 189 0.14 -36.40 15.44
CA ILE B 189 0.94 -37.16 14.50
C ILE B 189 2.26 -37.63 15.08
N ASN B 190 2.41 -37.64 16.40
CA ASN B 190 3.72 -37.91 17.00
C ASN B 190 4.83 -37.04 16.36
N GLY B 191 4.53 -35.77 16.04
CA GLY B 191 5.54 -34.81 15.59
C GLY B 191 6.07 -35.23 14.23
N PHE B 192 7.26 -34.74 13.86
CA PHE B 192 7.87 -35.07 12.58
C PHE B 192 8.85 -36.27 12.64
N PRO B 193 9.13 -36.87 11.49
CA PRO B 193 10.05 -37.99 11.58
C PRO B 193 11.48 -37.46 11.85
N ASN B 194 12.28 -38.27 12.53
CA ASN B 194 13.67 -37.98 12.88
C ASN B 194 14.74 -38.53 11.95
N ASN B 195 14.31 -39.31 10.97
CA ASN B 195 15.30 -39.96 10.16
C ASN B 195 15.29 -39.64 8.71
N TYR B 196 14.79 -38.46 8.33
CA TYR B 196 15.13 -37.96 7.02
C TYR B 196 16.41 -37.14 7.04
N TRP B 197 17.51 -37.67 6.50
CA TRP B 197 18.76 -36.92 6.42
C TRP B 197 19.05 -36.45 5.01
N GLY B 198 19.49 -35.20 4.84
CA GLY B 198 19.68 -34.71 3.46
C GLY B 198 18.35 -34.18 2.97
N TRP B 199 18.33 -33.61 1.78
CA TRP B 199 17.19 -32.88 1.24
C TRP B 199 16.08 -33.83 0.79
N GLY B 200 14.83 -33.52 1.10
CA GLY B 200 13.71 -34.13 0.35
C GLY B 200 12.88 -35.10 1.15
N GLY B 201 11.57 -34.99 1.04
CA GLY B 201 10.59 -36.01 1.48
C GLY B 201 10.04 -35.88 2.87
N GLU B 202 10.77 -35.16 3.75
CA GLU B 202 10.25 -35.06 5.13
C GLU B 202 8.89 -34.36 5.21
N ASP B 203 8.67 -33.40 4.33
CA ASP B 203 7.41 -32.64 4.30
C ASP B 203 6.26 -33.56 3.75
N ASP B 204 6.56 -34.35 2.68
CA ASP B 204 5.62 -35.39 2.21
C ASP B 204 5.29 -36.36 3.35
N ASP B 205 6.30 -36.68 4.14
CA ASP B 205 6.09 -37.65 5.25
C ASP B 205 5.13 -37.07 6.23
N ILE B 206 5.25 -35.76 6.43
CA ILE B 206 4.42 -35.00 7.42
C ILE B 206 3.00 -34.89 6.91
N PHE B 207 2.84 -34.56 5.65
CA PHE B 207 1.52 -34.66 5.00
C PHE B 207 0.89 -36.03 5.24
N ASN B 208 1.62 -37.11 4.91
CA ASN B 208 1.06 -38.47 5.12
C ASN B 208 0.62 -38.70 6.56
N ARG B 209 1.45 -38.35 7.54
CA ARG B 209 1.02 -38.51 8.94
C ARG B 209 -0.29 -37.78 9.17
N LEU B 210 -0.44 -36.56 8.64
CA LEU B 210 -1.64 -35.80 8.96
C LEU B 210 -2.88 -36.52 8.39
N VAL B 211 -2.72 -36.99 7.17
CA VAL B 211 -3.81 -37.62 6.50
C VAL B 211 -4.14 -38.95 7.15
N PHE B 212 -3.12 -39.72 7.52
CA PHE B 212 -3.38 -40.93 8.31
C PHE B 212 -4.09 -40.75 9.62
N ARG B 213 -4.02 -39.55 10.18
CA ARG B 213 -4.71 -39.28 11.43
C ARG B 213 -6.03 -38.52 11.20
N GLY B 214 -6.49 -38.46 9.95
CA GLY B 214 -7.86 -38.01 9.70
C GLY B 214 -7.98 -36.52 9.41
N MET B 215 -6.86 -35.87 9.15
CA MET B 215 -6.88 -34.45 8.95
C MET B 215 -6.85 -34.14 7.47
N SER B 216 -7.08 -32.88 7.20
CA SER B 216 -7.03 -32.38 5.87
C SER B 216 -6.25 -31.05 5.86
N ILE B 217 -5.82 -30.58 4.72
CA ILE B 217 -4.93 -29.44 4.68
C ILE B 217 -5.72 -28.19 4.34
N SER B 218 -5.60 -27.18 5.19
CA SER B 218 -6.24 -25.88 4.97
C SER B 218 -5.24 -24.91 4.33
N ARG B 219 -5.68 -24.15 3.32
CA ARG B 219 -4.78 -23.28 2.53
C ARG B 219 -5.48 -21.95 2.27
N PRO B 220 -4.75 -20.84 2.33
CA PRO B 220 -5.30 -19.56 1.87
C PRO B 220 -5.38 -19.60 0.36
N ASN B 221 -6.09 -18.65 -0.28
CA ASN B 221 -6.10 -18.69 -1.76
C ASN B 221 -4.74 -18.36 -2.34
N ALA B 222 -4.57 -18.58 -3.64
CA ALA B 222 -3.27 -18.44 -4.28
C ALA B 222 -2.76 -17.00 -4.32
N VAL B 223 -3.67 -16.02 -4.30
CA VAL B 223 -3.23 -14.61 -4.25
C VAL B 223 -2.69 -14.21 -2.86
N VAL B 224 -3.47 -14.51 -1.84
CA VAL B 224 -3.04 -14.27 -0.49
C VAL B 224 -1.76 -15.06 -0.15
N GLY B 225 -1.60 -16.27 -0.72
CA GLY B 225 -0.49 -17.14 -0.35
C GLY B 225 0.77 -16.95 -1.17
N THR B 226 0.81 -15.93 -2.01
CA THR B 226 2.00 -15.58 -2.75
C THR B 226 3.19 -15.43 -1.84
N THR B 227 4.24 -16.18 -2.13
CA THR B 227 5.43 -16.17 -1.28
C THR B 227 6.70 -16.02 -2.11
N ARG B 228 7.69 -15.29 -1.59
CA ARG B 228 8.96 -15.09 -2.31
C ARG B 228 10.05 -15.95 -1.68
N HIS B 229 10.79 -16.69 -2.49
CA HIS B 229 11.96 -17.46 -2.06
C HIS B 229 13.20 -16.65 -2.38
N ILE B 230 14.14 -16.62 -1.44
CA ILE B 230 15.43 -15.99 -1.76
C ILE B 230 16.32 -16.91 -2.59
N ARG B 231 16.56 -16.58 -3.85
CA ARG B 231 17.36 -17.43 -4.74
C ARG B 231 18.70 -17.75 -4.08
N HIS B 232 19.08 -19.02 -4.03
CA HIS B 232 20.33 -19.37 -3.40
C HIS B 232 20.89 -20.61 -4.07
N SER B 233 22.22 -20.78 -4.06
CA SER B 233 22.85 -22.03 -4.60
C SER B 233 22.71 -23.18 -3.58
N ARG B 234 23.10 -24.41 -3.92
CA ARG B 234 22.95 -25.55 -2.98
C ARG B 234 23.87 -25.38 -1.80
N ASP B 235 23.40 -25.64 -0.60
CA ASP B 235 24.33 -25.78 0.51
C ASP B 235 24.97 -27.14 0.35
N LYS B 236 26.26 -27.21 0.72
CA LYS B 236 26.91 -28.49 0.97
C LYS B 236 26.16 -29.16 2.13
N LYS B 237 26.15 -30.49 2.12
CA LYS B 237 25.68 -31.28 3.26
C LYS B 237 24.17 -31.35 3.46
N ASN B 238 23.41 -31.09 2.40
CA ASN B 238 22.01 -31.40 2.42
C ASN B 238 21.72 -31.95 1.00
N GLU B 239 22.48 -32.97 0.62
CA GLU B 239 22.32 -33.59 -0.71
C GLU B 239 20.96 -34.36 -0.79
N PRO B 240 20.29 -34.38 -1.96
CA PRO B 240 19.07 -35.20 -2.09
C PRO B 240 19.20 -36.57 -1.43
N ASN B 241 18.37 -36.85 -0.46
CA ASN B 241 18.36 -38.16 0.14
C ASN B 241 17.87 -39.25 -0.86
N PRO B 242 18.74 -40.23 -1.24
CA PRO B 242 18.30 -41.34 -2.10
C PRO B 242 17.26 -42.24 -1.46
N GLN B 243 17.18 -42.29 -0.14
CA GLN B 243 16.17 -43.13 0.50
C GLN B 243 14.81 -42.48 0.69
N ARG B 244 14.61 -41.26 0.17
CA ARG B 244 13.40 -40.49 0.56
C ARG B 244 12.06 -41.08 0.07
N PHE B 245 12.09 -41.58 -1.17
CA PHE B 245 10.96 -42.30 -1.80
C PHE B 245 10.60 -43.53 -1.01
N ASP B 246 11.60 -44.29 -0.61
CA ASP B 246 11.31 -45.46 0.17
C ASP B 246 10.75 -45.04 1.51
N ARG B 247 11.30 -43.98 2.10
CA ARG B 247 10.76 -43.51 3.39
C ARG B 247 9.35 -42.94 3.37
N ILE B 248 9.02 -42.15 2.36
CA ILE B 248 7.65 -41.57 2.34
C ILE B 248 6.58 -42.61 2.02
N ALA B 249 6.95 -43.64 1.25
CA ALA B 249 6.05 -44.81 1.07
C ALA B 249 5.84 -45.62 2.35
N HIS B 250 6.49 -45.34 3.48
CA HIS B 250 6.26 -46.18 4.69
C HIS B 250 5.84 -45.42 5.90
N THR B 251 5.36 -44.19 5.70
CA THR B 251 5.01 -43.35 6.84
C THR B 251 4.05 -44.00 7.84
N LYS B 252 3.03 -44.70 7.34
CA LYS B 252 2.02 -45.28 8.24
C LYS B 252 2.70 -46.17 9.28
N GLU B 253 3.65 -46.98 8.82
CA GLU B 253 4.33 -47.98 9.68
C GLU B 253 5.30 -47.30 10.66
N THR B 254 6.01 -46.28 10.22
CA THR B 254 7.08 -45.70 11.03
C THR B 254 6.58 -44.58 11.99
N MET B 255 5.50 -43.92 11.61
CA MET B 255 5.09 -42.71 12.32
C MET B 255 4.84 -42.95 13.80
N LEU B 256 4.47 -44.15 14.18
CA LEU B 256 4.04 -44.37 15.55
C LEU B 256 5.24 -44.49 16.49
N SER B 257 6.37 -44.92 15.94
CA SER B 257 7.53 -45.15 16.77
C SER B 257 8.69 -44.21 16.41
N ASP B 258 8.49 -43.34 15.43
CA ASP B 258 9.58 -42.48 15.05
C ASP B 258 9.05 -41.04 14.97
N GLY B 259 9.45 -40.22 15.94
CA GLY B 259 8.95 -38.87 15.98
C GLY B 259 9.29 -38.25 17.30
N LEU B 260 8.34 -37.46 17.78
CA LEU B 260 8.45 -36.78 19.05
C LEU B 260 8.78 -37.75 20.18
N ASN B 261 8.20 -38.94 20.11
CA ASN B 261 8.42 -39.92 21.16
C ASN B 261 9.72 -40.67 21.03
N SER B 262 10.48 -40.46 19.96
CA SER B 262 11.81 -41.08 19.87
C SER B 262 12.91 -40.02 19.75
N LEU B 263 12.54 -38.74 19.94
CA LEU B 263 13.46 -37.66 19.68
C LEU B 263 14.60 -37.58 20.69
N THR B 264 15.83 -37.57 20.17
CA THR B 264 16.98 -37.35 21.05
C THR B 264 17.90 -36.33 20.44
N TYR B 265 18.50 -35.55 21.32
CA TYR B 265 19.39 -34.47 20.93
C TYR B 265 20.12 -33.87 22.12
N GLN B 266 21.18 -33.14 21.83
CA GLN B 266 21.85 -32.38 22.89
C GLN B 266 21.97 -30.89 22.54
N VAL B 267 21.30 -30.04 23.32
CA VAL B 267 21.43 -28.59 23.16
C VAL B 267 22.82 -28.11 23.57
N LEU B 268 23.55 -27.43 22.68
CA LEU B 268 24.86 -26.88 23.08
C LEU B 268 24.79 -25.45 23.63
N ASP B 269 23.71 -24.73 23.39
CA ASP B 269 23.68 -23.32 23.65
C ASP B 269 22.27 -22.79 23.35
N VAL B 270 21.81 -21.85 24.18
CA VAL B 270 20.66 -21.05 23.89
C VAL B 270 21.05 -19.57 23.92
N GLN B 271 20.84 -18.84 22.83
CA GLN B 271 21.18 -17.42 22.87
C GLN B 271 19.96 -16.53 22.60
N ARG B 272 19.64 -15.64 23.52
CA ARG B 272 18.54 -14.72 23.31
C ARG B 272 19.11 -13.52 22.58
N TYR B 273 18.72 -13.27 21.36
CA TYR B 273 19.06 -12.05 20.72
C TYR B 273 17.88 -11.12 20.72
N PRO B 274 18.09 -9.85 20.35
CA PRO B 274 16.90 -9.01 20.38
C PRO B 274 15.74 -9.51 19.48
N LEU B 275 16.05 -10.03 18.30
CA LEU B 275 15.00 -10.36 17.36
C LEU B 275 14.67 -11.86 17.25
N TYR B 276 15.39 -12.71 17.98
CA TYR B 276 15.10 -14.16 17.96
C TYR B 276 15.82 -14.91 19.05
N THR B 277 15.37 -16.13 19.34
CA THR B 277 16.12 -17.06 20.15
C THR B 277 16.80 -18.07 19.21
N GLN B 278 18.10 -18.29 19.43
CA GLN B 278 18.83 -19.31 18.72
C GLN B 278 19.24 -20.46 19.66
N ILE B 279 18.86 -21.69 19.32
CA ILE B 279 19.15 -22.87 20.11
C ILE B 279 20.00 -23.69 19.16
N THR B 280 21.26 -23.91 19.51
CA THR B 280 22.15 -24.66 18.68
C THR B 280 22.20 -26.04 19.27
N VAL B 281 22.09 -27.03 18.41
CA VAL B 281 21.77 -28.34 18.97
C VAL B 281 22.45 -29.42 18.19
N ASP B 282 22.92 -30.41 18.92
CA ASP B 282 23.57 -31.57 18.27
C ASP B 282 22.50 -32.65 18.01
N ILE B 283 22.15 -32.82 16.73
CA ILE B 283 21.11 -33.76 16.41
C ILE B 283 21.60 -35.09 15.88
N GLY B 284 22.89 -35.35 15.95
CA GLY B 284 23.47 -36.65 15.64
C GLY B 284 23.65 -36.86 14.14
N THR B 285 23.89 -38.12 13.78
CA THR B 285 24.24 -38.49 12.42
C THR B 285 23.40 -39.71 12.05
N PRO B 286 23.28 -39.98 10.74
CA PRO B 286 22.60 -41.21 10.29
C PRO B 286 23.25 -42.41 10.96
N SER B 287 22.50 -43.48 11.21
CA SER B 287 23.13 -44.82 11.28
C SER B 287 23.74 -45.23 9.94
N SER C 15 10.90 -26.83 -18.28
CA SER C 15 10.93 -25.33 -18.38
C SER C 15 9.62 -24.68 -17.84
N LEU C 16 9.56 -23.34 -17.92
CA LEU C 16 8.76 -22.58 -16.97
C LEU C 16 7.28 -22.65 -17.27
N PRO C 17 6.45 -22.65 -16.22
CA PRO C 17 4.97 -22.51 -16.34
C PRO C 17 4.56 -21.10 -16.77
N ALA C 18 3.41 -21.01 -17.42
CA ALA C 18 2.77 -19.77 -17.78
C ALA C 18 2.50 -18.98 -16.47
N CYS C 19 2.72 -17.67 -16.50
CA CYS C 19 2.37 -16.82 -15.36
C CYS C 19 0.87 -16.94 -15.08
N PRO C 20 0.44 -16.67 -13.83
CA PRO C 20 -1.00 -16.65 -13.60
C PRO C 20 -1.62 -15.62 -14.54
N GLU C 21 -2.88 -15.81 -14.88
CA GLU C 21 -3.59 -14.92 -15.81
C GLU C 21 -3.60 -13.49 -15.29
N GLU C 22 -3.67 -13.31 -13.97
CA GLU C 22 -3.55 -11.97 -13.40
C GLU C 22 -2.39 -12.01 -12.47
N SER C 23 -1.50 -11.04 -12.52
CA SER C 23 -0.39 -11.10 -11.64
C SER C 23 -0.84 -11.11 -10.18
N PRO C 24 -0.23 -11.98 -9.35
CA PRO C 24 -0.64 -11.94 -7.96
C PRO C 24 0.19 -10.91 -7.18
N LEU C 25 1.03 -10.14 -7.87
CA LEU C 25 1.96 -9.22 -7.21
C LEU C 25 1.40 -7.81 -7.09
N LEU C 26 0.24 -7.55 -7.71
CA LEU C 26 -0.32 -6.18 -7.82
C LEU C 26 -0.59 -5.62 -6.44
N VAL C 27 -0.27 -4.35 -6.24
CA VAL C 27 -0.61 -3.69 -4.97
C VAL C 27 -1.75 -2.71 -5.11
N GLY C 28 -2.26 -2.52 -6.33
CA GLY C 28 -3.31 -1.53 -6.59
C GLY C 28 -2.79 -0.08 -6.47
N PRO C 29 -3.59 0.84 -5.89
CA PRO C 29 -3.37 2.31 -5.86
C PRO C 29 -2.08 2.70 -5.22
N MET C 30 -1.36 3.63 -5.81
CA MET C 30 -0.03 4.02 -5.29
C MET C 30 0.06 5.53 -5.07
N LEU C 31 1.10 5.92 -4.35
CA LEU C 31 1.46 7.31 -4.22
C LEU C 31 2.35 7.80 -5.37
N ILE C 32 1.87 8.79 -6.09
CA ILE C 32 2.62 9.37 -7.19
C ILE C 32 3.00 10.79 -6.86
N GLU C 33 4.29 11.10 -6.75
CA GLU C 33 4.70 12.53 -6.56
C GLU C 33 5.76 13.01 -7.55
N PHE C 34 5.64 14.26 -7.99
CA PHE C 34 6.58 14.85 -8.94
C PHE C 34 7.48 16.00 -8.42
N ASN C 35 7.89 15.98 -7.16
CA ASN C 35 8.71 17.12 -6.71
C ASN C 35 10.02 16.72 -6.07
N MET C 36 10.61 15.60 -6.48
CA MET C 36 11.88 15.21 -5.89
C MET C 36 12.85 15.03 -7.02
N PRO C 37 14.17 15.06 -6.70
CA PRO C 37 15.11 14.70 -7.78
C PRO C 37 15.08 13.19 -8.00
N VAL C 38 15.26 12.79 -9.27
CA VAL C 38 15.35 11.39 -9.62
C VAL C 38 16.73 11.11 -10.15
N ASP C 39 17.42 10.15 -9.55
CA ASP C 39 18.71 9.68 -10.07
C ASP C 39 18.65 8.27 -10.76
N LEU C 40 18.75 8.31 -12.09
CA LEU C 40 18.61 7.12 -12.90
C LEU C 40 19.52 5.93 -12.55
N GLU C 41 20.66 6.19 -11.92
CA GLU C 41 21.59 5.11 -11.60
C GLU C 41 21.06 4.39 -10.35
N LEU C 42 20.39 5.16 -9.50
CA LEU C 42 19.76 4.64 -8.32
C LEU C 42 18.43 3.94 -8.73
N VAL C 43 17.74 4.45 -9.75
CA VAL C 43 16.56 3.75 -10.24
C VAL C 43 16.97 2.38 -10.79
N ALA C 44 18.11 2.34 -11.48
CA ALA C 44 18.62 1.06 -11.99
C ALA C 44 19.01 0.13 -10.86
N LYS C 45 19.58 0.69 -9.79
CA LYS C 45 19.95 -0.11 -8.62
C LYS C 45 18.71 -0.63 -7.88
N GLN C 46 17.66 0.17 -7.86
CA GLN C 46 16.38 -0.30 -7.33
C GLN C 46 15.65 -1.37 -8.19
N ASN C 47 16.00 -1.45 -9.47
CA ASN C 47 15.35 -2.31 -10.44
C ASN C 47 16.41 -3.22 -11.06
N PRO C 48 17.10 -4.00 -10.22
CA PRO C 48 18.22 -4.73 -10.77
C PRO C 48 17.88 -5.78 -11.82
N ASN C 49 16.61 -6.20 -11.94
CA ASN C 49 16.26 -7.22 -12.93
C ASN C 49 15.99 -6.58 -14.29
N VAL C 50 15.93 -5.27 -14.35
CA VAL C 50 15.82 -4.63 -15.63
C VAL C 50 17.17 -4.70 -16.37
N LYS C 51 17.16 -5.37 -17.52
CA LYS C 51 18.36 -5.57 -18.33
C LYS C 51 18.62 -4.42 -19.32
N MET C 52 19.88 -4.29 -19.75
CA MET C 52 20.32 -3.20 -20.59
C MET C 52 19.36 -2.96 -21.73
N GLY C 53 19.11 -1.70 -22.05
CA GLY C 53 18.10 -1.33 -23.01
C GLY C 53 16.70 -1.32 -22.41
N GLY C 54 16.58 -1.51 -21.09
CA GLY C 54 15.27 -1.54 -20.46
C GLY C 54 14.37 -2.72 -20.79
N ARG C 55 14.91 -3.95 -20.70
CA ARG C 55 14.17 -5.19 -21.01
C ARG C 55 13.95 -5.96 -19.75
N TYR C 56 12.76 -6.52 -19.60
CA TYR C 56 12.52 -7.35 -18.43
C TYR C 56 11.56 -8.47 -18.79
N ALA C 57 11.75 -9.61 -18.14
CA ALA C 57 10.78 -10.70 -18.20
C ALA C 57 10.93 -11.46 -16.92
N PRO C 58 9.82 -12.05 -16.43
CA PRO C 58 9.85 -12.79 -15.20
C PRO C 58 10.82 -13.99 -15.26
N ARG C 59 11.53 -14.23 -14.17
CA ARG C 59 12.38 -15.38 -14.04
C ARG C 59 11.52 -16.61 -13.83
N ASP C 60 10.38 -16.47 -13.15
CA ASP C 60 9.72 -17.66 -12.66
C ASP C 60 8.56 -18.19 -13.51
N CYS C 61 8.22 -17.46 -14.57
CA CYS C 61 7.09 -17.91 -15.34
C CYS C 61 7.08 -17.18 -16.68
N VAL C 62 6.31 -17.71 -17.61
CA VAL C 62 6.32 -17.23 -18.96
C VAL C 62 5.13 -16.38 -19.09
N SER C 63 5.35 -15.11 -19.33
CA SER C 63 4.25 -14.20 -19.54
C SER C 63 3.74 -14.39 -20.96
N PRO C 64 2.42 -14.34 -21.14
CA PRO C 64 1.89 -14.24 -22.53
C PRO C 64 1.97 -12.85 -23.15
N HIS C 65 2.38 -11.84 -22.38
CA HIS C 65 2.40 -10.50 -22.93
C HIS C 65 3.77 -10.03 -23.33
N LYS C 66 3.96 -9.81 -24.61
CA LYS C 66 5.25 -9.44 -25.10
C LYS C 66 4.99 -8.07 -25.61
N VAL C 67 5.49 -7.07 -24.88
CA VAL C 67 5.00 -5.71 -24.94
C VAL C 67 6.13 -4.78 -25.19
N ALA C 68 6.02 -4.06 -26.30
CA ALA C 68 6.98 -3.03 -26.53
C ALA C 68 6.27 -1.74 -26.08
N ILE C 69 6.90 -1.03 -25.17
CA ILE C 69 6.36 0.26 -24.72
C ILE C 69 6.99 1.41 -25.47
N ILE C 70 6.19 2.14 -26.25
CA ILE C 70 6.78 3.13 -27.12
C ILE C 70 6.43 4.53 -26.72
N ILE C 71 7.46 5.32 -26.42
CA ILE C 71 7.32 6.70 -26.01
C ILE C 71 7.74 7.72 -27.08
N PRO C 72 6.78 8.54 -27.56
CA PRO C 72 7.24 9.61 -28.46
C PRO C 72 7.96 10.71 -27.68
N PHE C 73 9.09 11.22 -28.20
CA PHE C 73 9.99 12.00 -27.38
C PHE C 73 10.81 13.08 -28.12
N ARG C 74 10.95 14.28 -27.49
CA ARG C 74 12.00 15.30 -27.75
C ARG C 74 12.20 16.26 -26.57
N ASN C 75 13.40 16.27 -26.01
CA ASN C 75 13.72 17.23 -24.96
C ASN C 75 12.68 17.16 -23.81
N ARG C 76 12.51 15.99 -23.20
CA ARG C 76 11.60 15.77 -22.09
C ARG C 76 12.27 14.86 -21.07
N GLN C 77 13.57 15.07 -20.91
CA GLN C 77 14.37 14.17 -20.13
C GLN C 77 13.92 14.10 -18.68
N GLU C 78 13.45 15.22 -18.14
CA GLU C 78 13.13 15.29 -16.73
C GLU C 78 11.84 14.48 -16.50
N HIS C 79 10.94 14.53 -17.46
CA HIS C 79 9.74 13.71 -17.43
C HIS C 79 10.00 12.21 -17.52
N LEU C 80 10.84 11.84 -18.49
CA LEU C 80 11.26 10.48 -18.71
C LEU C 80 11.75 9.88 -17.40
N LYS C 81 12.47 10.72 -16.67
CA LYS C 81 13.05 10.27 -15.42
C LYS C 81 11.97 9.85 -14.48
N TYR C 82 10.89 10.62 -14.37
CA TYR C 82 9.79 10.22 -13.51
C TYR C 82 9.08 8.99 -14.09
N TRP C 83 8.87 8.99 -15.40
CA TRP C 83 8.21 7.89 -16.06
C TRP C 83 8.93 6.58 -15.75
N LEU C 84 10.25 6.54 -15.85
CA LEU C 84 10.98 5.33 -15.70
C LEU C 84 10.93 4.86 -14.25
N TYR C 85 11.00 5.84 -13.36
CA TYR C 85 10.99 5.64 -11.92
C TYR C 85 9.71 4.95 -11.45
N TYR C 86 8.59 5.45 -11.97
CA TYR C 86 7.28 4.90 -11.67
C TYR C 86 6.91 3.64 -12.48
N LEU C 87 7.04 3.68 -13.82
CA LEU C 87 6.62 2.54 -14.68
C LEU C 87 7.41 1.26 -14.45
N HIS C 88 8.72 1.35 -14.31
CA HIS C 88 9.46 0.13 -14.20
C HIS C 88 8.99 -0.81 -13.08
N PRO C 89 8.72 -0.31 -11.85
CA PRO C 89 8.26 -1.26 -10.80
C PRO C 89 6.91 -1.82 -11.11
N VAL C 90 6.06 -1.00 -11.71
CA VAL C 90 4.71 -1.40 -12.11
C VAL C 90 4.67 -2.49 -13.24
N LEU C 91 5.40 -2.26 -14.33
CA LEU C 91 5.56 -3.24 -15.40
C LEU C 91 6.09 -4.59 -14.87
N GLN C 92 7.12 -4.57 -14.04
CA GLN C 92 7.57 -5.84 -13.42
C GLN C 92 6.49 -6.51 -12.56
N ARG C 93 5.76 -5.70 -11.78
CA ARG C 93 4.72 -6.28 -10.94
C ARG C 93 3.61 -6.89 -11.80
N GLN C 94 3.44 -6.37 -13.02
CA GLN C 94 2.45 -6.85 -14.00
C GLN C 94 2.93 -8.12 -14.79
N GLN C 95 4.14 -8.58 -14.46
CA GLN C 95 4.73 -9.80 -15.00
C GLN C 95 4.76 -9.75 -16.52
N LEU C 96 5.14 -8.64 -17.08
CA LEU C 96 5.13 -8.50 -18.52
C LEU C 96 6.53 -8.83 -19.09
N ASP C 97 6.57 -9.29 -20.34
CA ASP C 97 7.83 -9.52 -20.97
C ASP C 97 7.92 -8.28 -21.83
N TYR C 98 8.75 -7.30 -21.44
CA TYR C 98 8.64 -5.98 -22.05
C TYR C 98 9.94 -5.25 -22.36
N GLY C 99 9.83 -4.22 -23.20
CA GLY C 99 10.98 -3.36 -23.38
C GLY C 99 10.53 -1.95 -23.55
N ILE C 100 11.34 -1.01 -23.07
CA ILE C 100 11.02 0.41 -23.24
C ILE C 100 11.80 1.00 -24.42
N TYR C 101 11.05 1.68 -25.31
CA TYR C 101 11.58 2.40 -26.46
C TYR C 101 11.21 3.89 -26.48
N VAL C 102 12.18 4.76 -26.26
CA VAL C 102 11.98 6.17 -26.36
C VAL C 102 12.31 6.67 -27.80
N ILE C 103 11.32 7.13 -28.53
CA ILE C 103 11.57 7.49 -29.93
C ILE C 103 11.84 8.97 -30.05
N ASN C 104 13.12 9.32 -30.06
CA ASN C 104 13.56 10.70 -30.02
C ASN C 104 13.55 11.33 -31.44
N GLN C 105 12.78 12.41 -31.66
CA GLN C 105 12.86 13.18 -32.94
C GLN C 105 14.13 13.99 -33.06
N ALA C 106 14.92 13.62 -34.06
CA ALA C 106 16.16 14.34 -34.41
C ALA C 106 15.81 15.74 -34.91
N GLY C 107 16.72 16.68 -34.67
CA GLY C 107 16.57 18.02 -35.20
C GLY C 107 15.52 18.86 -34.48
N ASP C 108 15.31 20.07 -34.99
CA ASP C 108 14.49 21.09 -34.32
C ASP C 108 13.36 21.61 -35.17
N THR C 109 12.87 20.80 -36.09
CA THR C 109 11.66 21.18 -36.81
C THR C 109 10.41 20.58 -36.17
N ILE C 110 9.24 20.92 -36.70
CA ILE C 110 7.97 20.64 -36.06
C ILE C 110 7.80 19.15 -35.64
N PHE C 111 7.25 18.90 -34.46
CA PHE C 111 7.05 17.55 -33.89
C PHE C 111 5.97 16.76 -34.63
N ASN C 112 6.21 15.45 -34.74
CA ASN C 112 5.17 14.62 -35.34
C ASN C 112 4.92 13.36 -34.51
N ARG C 113 4.10 13.52 -33.47
CA ARG C 113 3.87 12.47 -32.46
C ARG C 113 3.65 11.10 -33.07
N ALA C 114 2.72 11.03 -34.01
CA ALA C 114 2.20 9.76 -34.45
C ALA C 114 3.27 9.07 -35.33
N LYS C 115 4.13 9.87 -35.95
CA LYS C 115 5.11 9.29 -36.85
C LYS C 115 6.13 8.59 -35.99
N LEU C 116 6.46 9.21 -34.88
CA LEU C 116 7.40 8.63 -33.95
C LEU C 116 6.83 7.32 -33.44
N LEU C 117 5.52 7.28 -33.19
CA LEU C 117 4.91 6.07 -32.73
C LEU C 117 5.03 4.93 -33.77
N ASN C 118 4.76 5.24 -35.03
CA ASN C 118 4.99 4.26 -36.11
C ASN C 118 6.46 3.78 -36.11
N VAL C 119 7.41 4.68 -35.96
CA VAL C 119 8.79 4.24 -35.99
C VAL C 119 8.98 3.28 -34.84
N GLY C 120 8.39 3.58 -33.68
CA GLY C 120 8.54 2.74 -32.51
C GLY C 120 8.15 1.31 -32.83
N PHE C 121 7.01 1.20 -33.49
CA PHE C 121 6.44 -0.13 -33.80
C PHE C 121 7.43 -0.91 -34.68
N GLN C 122 7.85 -0.33 -35.80
CA GLN C 122 8.76 -0.99 -36.76
C GLN C 122 10.09 -1.43 -36.16
N GLU C 123 10.71 -0.48 -35.46
CA GLU C 123 12.00 -0.71 -34.88
C GLU C 123 11.99 -1.67 -33.72
N ALA C 124 10.97 -1.62 -32.88
CA ALA C 124 10.98 -2.52 -31.77
C ALA C 124 10.90 -3.94 -32.28
N LEU C 125 10.09 -4.16 -33.32
CA LEU C 125 9.90 -5.49 -33.88
C LEU C 125 11.19 -6.09 -34.40
N LYS C 126 12.20 -5.28 -34.64
CA LYS C 126 13.49 -5.73 -35.08
C LYS C 126 14.36 -6.25 -33.96
N ASP C 127 14.14 -5.80 -32.73
CA ASP C 127 14.74 -6.44 -31.54
C ASP C 127 14.10 -7.74 -31.13
N TYR C 128 12.82 -7.92 -31.38
CA TYR C 128 12.15 -9.02 -30.68
C TYR C 128 10.73 -9.21 -31.18
N ASP C 129 10.26 -10.43 -31.02
CA ASP C 129 8.92 -10.81 -31.44
C ASP C 129 7.78 -10.27 -30.52
N TYR C 130 7.76 -8.95 -30.29
CA TYR C 130 6.67 -8.30 -29.56
C TYR C 130 5.33 -8.50 -30.23
N THR C 131 4.27 -8.80 -29.46
CA THR C 131 2.95 -8.96 -30.05
C THR C 131 1.95 -7.95 -29.49
N CYS C 132 2.46 -6.97 -28.75
CA CYS C 132 1.60 -5.97 -28.12
C CYS C 132 2.39 -4.66 -28.03
N PHE C 133 1.71 -3.53 -28.28
CA PHE C 133 2.37 -2.23 -28.25
C PHE C 133 1.58 -1.25 -27.44
N VAL C 134 2.24 -0.73 -26.41
CA VAL C 134 1.67 0.30 -25.58
C VAL C 134 2.26 1.63 -26.07
N PHE C 135 1.41 2.53 -26.48
CA PHE C 135 1.85 3.85 -26.84
C PHE C 135 1.59 4.85 -25.69
N SER C 136 2.62 5.46 -25.14
CA SER C 136 2.42 6.32 -23.99
C SER C 136 3.16 7.67 -24.07
N ASP C 137 2.44 8.78 -23.82
CA ASP C 137 3.07 10.08 -23.65
C ASP C 137 4.04 9.94 -22.47
N VAL C 138 5.09 10.75 -22.46
CA VAL C 138 6.18 10.57 -21.49
C VAL C 138 5.80 11.15 -20.12
N ASP C 139 4.68 11.88 -20.08
CA ASP C 139 4.31 12.63 -18.87
C ASP C 139 3.04 12.04 -18.25
N LEU C 140 2.68 10.78 -18.59
CA LEU C 140 1.54 10.11 -17.96
C LEU C 140 1.94 8.93 -17.08
N ILE C 141 1.58 9.01 -15.81
CA ILE C 141 1.91 7.98 -14.84
C ILE C 141 0.62 7.37 -14.27
N PRO C 142 0.45 6.04 -14.38
CA PRO C 142 -0.76 5.42 -13.80
C PRO C 142 -0.72 5.35 -12.27
N MET C 143 -1.87 5.44 -11.63
CA MET C 143 -1.84 5.47 -10.17
C MET C 143 -2.16 4.08 -9.60
N ASN C 144 -2.68 3.21 -10.48
CA ASN C 144 -3.16 1.89 -10.12
C ASN C 144 -2.58 0.76 -11.01
N ASP C 145 -1.76 -0.08 -10.40
CA ASP C 145 -1.14 -1.14 -11.12
C ASP C 145 -2.09 -2.24 -11.55
N HIS C 146 -3.39 -2.16 -11.24
CA HIS C 146 -4.39 -3.07 -11.84
C HIS C 146 -4.71 -2.60 -13.24
N ASN C 147 -4.15 -1.45 -13.62
CA ASN C 147 -4.47 -0.90 -14.96
C ASN C 147 -3.46 -1.53 -15.93
N ALA C 148 -3.87 -2.50 -16.75
CA ALA C 148 -2.89 -3.39 -17.36
C ALA C 148 -2.28 -2.68 -18.56
N TYR C 149 -0.96 -2.57 -18.57
CA TYR C 149 -0.23 -2.06 -19.73
C TYR C 149 0.07 -3.19 -20.73
N ARG C 150 -0.96 -3.91 -21.17
CA ARG C 150 -0.79 -4.88 -22.24
C ARG C 150 -2.03 -4.93 -23.14
N CYS C 151 -2.11 -5.90 -24.03
CA CYS C 151 -3.15 -5.84 -25.02
C CYS C 151 -4.39 -6.67 -24.70
N PHE C 152 -5.50 -6.34 -25.33
CA PHE C 152 -6.79 -6.97 -25.06
C PHE C 152 -7.38 -7.39 -26.43
N SER C 153 -8.49 -8.13 -26.44
CA SER C 153 -9.09 -8.60 -27.71
C SER C 153 -9.61 -7.44 -28.56
N GLN C 154 -9.74 -6.24 -27.97
CA GLN C 154 -10.01 -4.99 -28.68
C GLN C 154 -8.92 -4.00 -28.28
N PRO C 155 -8.68 -2.97 -29.10
CA PRO C 155 -7.72 -1.96 -28.75
C PRO C 155 -8.09 -1.38 -27.40
N ARG C 156 -7.10 -0.99 -26.63
CA ARG C 156 -7.32 -0.68 -25.25
C ARG C 156 -6.90 0.74 -25.00
N HIS C 157 -7.84 1.57 -24.55
CA HIS C 157 -7.50 2.89 -24.02
C HIS C 157 -7.21 2.76 -22.51
N ILE C 158 -6.01 3.16 -22.09
CA ILE C 158 -5.50 2.92 -20.75
C ILE C 158 -5.57 4.16 -19.83
N SER C 159 -5.25 5.35 -20.38
CA SER C 159 -5.19 6.55 -19.54
C SER C 159 -6.62 7.16 -19.45
N VAL C 160 -7.57 6.45 -18.86
CA VAL C 160 -8.98 6.88 -18.97
C VAL C 160 -9.41 7.97 -17.98
N ALA C 161 -8.65 8.22 -16.91
CA ALA C 161 -9.13 9.19 -15.93
C ALA C 161 -7.95 10.03 -15.47
N MET C 162 -7.59 10.98 -16.33
CA MET C 162 -6.43 11.79 -16.12
C MET C 162 -6.82 12.93 -15.21
N ASP C 163 -5.94 13.26 -14.27
CA ASP C 163 -6.24 14.38 -13.39
C ASP C 163 -6.56 15.66 -14.22
N LYS C 164 -5.75 15.88 -15.25
CA LYS C 164 -5.85 17.08 -16.09
C LYS C 164 -7.17 17.23 -16.82
N PHE C 165 -7.94 16.17 -16.90
CA PHE C 165 -9.34 16.24 -17.36
C PHE C 165 -10.37 15.98 -16.22
N GLY C 166 -9.96 16.15 -14.97
CA GLY C 166 -10.94 16.01 -13.89
C GLY C 166 -11.31 14.56 -13.68
N PHE C 167 -10.32 13.69 -13.85
CA PHE C 167 -10.49 12.30 -13.55
C PHE C 167 -11.62 11.66 -14.34
N SER C 168 -11.82 12.15 -15.56
CA SER C 168 -12.57 11.36 -16.53
C SER C 168 -12.14 11.58 -18.01
N LEU C 169 -12.99 11.18 -18.94
CA LEU C 169 -12.65 11.34 -20.31
C LEU C 169 -13.04 12.73 -20.71
N PRO C 170 -12.22 13.40 -21.51
CA PRO C 170 -12.67 14.68 -21.98
C PRO C 170 -13.80 14.52 -22.96
N TYR C 171 -13.90 13.41 -23.66
CA TYR C 171 -15.07 13.11 -24.49
C TYR C 171 -15.03 11.60 -24.74
N VAL C 172 -16.19 10.96 -24.87
CA VAL C 172 -16.26 9.50 -24.82
C VAL C 172 -15.37 8.81 -25.91
N GLN C 173 -15.20 9.46 -27.06
CA GLN C 173 -14.38 8.94 -28.15
C GLN C 173 -12.89 9.29 -28.06
N TYR C 174 -12.44 9.83 -26.93
CA TYR C 174 -11.05 10.24 -26.77
C TYR C 174 -10.09 9.05 -26.63
N PHE C 175 -8.98 9.08 -27.37
CA PHE C 175 -8.08 7.93 -27.46
C PHE C 175 -6.63 8.33 -27.23
N GLY C 176 -6.42 9.49 -26.64
CA GLY C 176 -5.05 9.96 -26.43
C GLY C 176 -4.39 9.47 -25.16
N GLY C 177 -3.15 9.89 -24.93
CA GLY C 177 -2.44 9.59 -23.71
C GLY C 177 -1.70 8.25 -23.69
N VAL C 178 -2.40 7.19 -23.22
CA VAL C 178 -1.85 5.87 -23.20
C VAL C 178 -2.88 4.93 -23.82
N SER C 179 -2.43 4.09 -24.74
CA SER C 179 -3.29 3.06 -25.30
C SER C 179 -2.43 1.86 -25.62
N ALA C 180 -3.05 0.72 -25.90
CA ALA C 180 -2.33 -0.47 -26.34
C ALA C 180 -3.04 -1.13 -27.52
N LEU C 181 -2.27 -1.47 -28.55
CA LEU C 181 -2.82 -2.24 -29.69
C LEU C 181 -1.99 -3.50 -29.84
N SER C 182 -2.64 -4.64 -30.08
CA SER C 182 -1.95 -5.89 -30.49
C SER C 182 -1.28 -5.61 -31.82
N LYS C 183 -0.35 -6.47 -32.20
CA LYS C 183 0.27 -6.36 -33.52
C LYS C 183 -0.79 -6.45 -34.63
N GLN C 184 -1.73 -7.39 -34.49
CA GLN C 184 -2.83 -7.49 -35.46
C GLN C 184 -3.72 -6.25 -35.59
N GLN C 185 -4.19 -5.70 -34.48
CA GLN C 185 -4.94 -4.46 -34.47
C GLN C 185 -4.13 -3.36 -35.13
N PHE C 186 -2.88 -3.20 -34.70
CA PHE C 186 -2.03 -2.20 -35.37
C PHE C 186 -1.91 -2.40 -36.89
N LEU C 187 -1.67 -3.64 -37.33
CA LEU C 187 -1.50 -3.92 -38.76
C LEU C 187 -2.82 -3.70 -39.49
N THR C 188 -3.90 -4.08 -38.83
CA THR C 188 -5.19 -3.96 -39.43
C THR C 188 -5.56 -2.53 -39.85
N ILE C 189 -5.13 -1.53 -39.09
CA ILE C 189 -5.54 -0.15 -39.39
C ILE C 189 -4.50 0.55 -40.22
N ASN C 190 -3.53 -0.20 -40.69
CA ASN C 190 -2.36 0.35 -41.40
C ASN C 190 -1.55 1.29 -40.52
N GLY C 191 -1.44 0.98 -39.22
CA GLY C 191 -0.65 1.82 -38.33
C GLY C 191 -1.32 3.17 -38.15
N PHE C 192 -0.55 4.16 -37.73
CA PHE C 192 -1.05 5.47 -37.41
C PHE C 192 -0.72 6.36 -38.62
N PRO C 193 -1.29 7.56 -38.70
CA PRO C 193 -1.04 8.40 -39.87
C PRO C 193 0.30 9.13 -39.79
N ASN C 194 0.84 9.58 -40.92
CA ASN C 194 2.16 10.23 -40.93
C ASN C 194 2.15 11.76 -41.10
N ASN C 195 0.98 12.32 -41.44
CA ASN C 195 0.84 13.78 -41.69
C ASN C 195 0.20 14.64 -40.60
N TYR C 196 0.28 14.21 -39.35
CA TYR C 196 -0.22 15.08 -38.34
C TYR C 196 0.99 15.75 -37.75
N TRP C 197 1.26 16.96 -38.23
CA TRP C 197 2.40 17.74 -37.76
C TRP C 197 1.97 18.80 -36.78
N GLY C 198 2.65 18.85 -35.63
CA GLY C 198 2.26 19.67 -34.50
C GLY C 198 1.11 19.02 -33.72
N TRP C 199 0.78 19.65 -32.59
CA TRP C 199 -0.27 19.19 -31.67
C TRP C 199 -1.67 19.00 -32.26
N GLY C 200 -2.32 17.91 -31.88
CA GLY C 200 -3.75 17.74 -32.14
C GLY C 200 -4.15 16.78 -33.24
N GLY C 201 -5.15 15.94 -32.96
CA GLY C 201 -5.88 15.20 -33.98
C GLY C 201 -5.45 13.78 -34.30
N GLU C 202 -4.17 13.48 -34.10
CA GLU C 202 -3.70 12.18 -34.56
C GLU C 202 -4.35 11.03 -33.78
N ASP C 203 -4.61 11.24 -32.48
CA ASP C 203 -5.23 10.21 -31.65
C ASP C 203 -6.66 9.98 -32.11
N ASP C 204 -7.35 11.07 -32.41
CA ASP C 204 -8.69 11.00 -33.00
C ASP C 204 -8.72 10.24 -34.32
N ASP C 205 -7.73 10.51 -35.17
CA ASP C 205 -7.56 9.80 -36.43
C ASP C 205 -7.44 8.30 -36.19
N ILE C 206 -6.57 7.93 -35.26
CA ILE C 206 -6.36 6.54 -34.83
C ILE C 206 -7.68 5.91 -34.39
N PHE C 207 -8.42 6.62 -33.59
CA PHE C 207 -9.73 6.17 -33.19
C PHE C 207 -10.61 5.86 -34.40
N ASN C 208 -10.73 6.79 -35.34
CA ASN C 208 -11.56 6.55 -36.52
C ASN C 208 -11.08 5.32 -37.28
N ARG C 209 -9.76 5.19 -37.44
CA ARG C 209 -9.24 4.01 -38.08
C ARG C 209 -9.80 2.74 -37.46
N LEU C 210 -9.80 2.69 -36.12
CA LEU C 210 -10.15 1.44 -35.40
C LEU C 210 -11.63 1.14 -35.60
N VAL C 211 -12.43 2.20 -35.55
CA VAL C 211 -13.87 2.08 -35.68
C VAL C 211 -14.20 1.70 -37.13
N PHE C 212 -13.58 2.40 -38.08
CA PHE C 212 -13.66 2.00 -39.49
C PHE C 212 -13.19 0.59 -39.76
N ARG C 213 -12.46 -0.07 -38.84
CA ARG C 213 -12.12 -1.46 -39.12
C ARG C 213 -12.89 -2.44 -38.30
N GLY C 214 -14.02 -2.00 -37.80
CA GLY C 214 -14.88 -2.88 -37.08
C GLY C 214 -14.53 -3.10 -35.63
N MET C 215 -13.62 -2.31 -35.05
CA MET C 215 -13.23 -2.51 -33.65
C MET C 215 -13.92 -1.49 -32.71
N SER C 216 -13.87 -1.72 -31.39
CA SER C 216 -14.30 -0.71 -30.44
C SER C 216 -13.30 -0.65 -29.29
N ILE C 217 -13.45 0.34 -28.41
CA ILE C 217 -12.43 0.64 -27.40
C ILE C 217 -12.73 -0.03 -26.08
N SER C 218 -11.78 -0.78 -25.55
CA SER C 218 -11.85 -1.44 -24.25
C SER C 218 -11.19 -0.48 -23.27
N ARG C 219 -11.72 -0.39 -22.06
CA ARG C 219 -11.17 0.53 -21.05
C ARG C 219 -11.21 -0.09 -19.71
N PRO C 220 -10.22 0.18 -18.86
CA PRO C 220 -10.43 -0.19 -17.42
C PRO C 220 -11.52 0.70 -16.78
N ASN C 221 -11.97 0.39 -15.55
CA ASN C 221 -12.84 1.34 -14.86
C ASN C 221 -12.11 2.64 -14.50
N ALA C 222 -12.89 3.69 -14.27
CA ALA C 222 -12.37 5.01 -14.00
C ALA C 222 -11.43 5.03 -12.82
N VAL C 223 -11.76 4.30 -11.77
CA VAL C 223 -10.88 4.33 -10.62
C VAL C 223 -9.56 3.70 -10.94
N VAL C 224 -9.62 2.53 -11.56
CA VAL C 224 -8.42 1.74 -11.83
C VAL C 224 -7.54 2.48 -12.85
N GLY C 225 -8.17 3.17 -13.79
CA GLY C 225 -7.48 3.89 -14.83
C GLY C 225 -7.13 5.33 -14.50
N THR C 226 -7.06 5.65 -13.21
CA THR C 226 -6.67 6.95 -12.71
C THR C 226 -5.21 7.20 -13.08
N THR C 227 -4.99 8.34 -13.73
CA THR C 227 -3.66 8.70 -14.27
C THR C 227 -3.21 10.12 -13.97
N ARG C 228 -1.96 10.27 -13.58
CA ARG C 228 -1.41 11.55 -13.23
C ARG C 228 -0.57 12.14 -14.39
N HIS C 229 -0.83 13.41 -14.75
CA HIS C 229 -0.11 14.08 -15.83
C HIS C 229 0.89 15.07 -15.25
N ILE C 230 2.19 14.91 -15.54
CA ILE C 230 3.18 15.90 -15.14
C ILE C 230 2.85 17.28 -15.77
N ARG C 231 2.45 18.22 -14.92
CA ARG C 231 2.02 19.58 -15.34
C ARG C 231 3.20 20.27 -16.05
N HIS C 232 3.00 20.84 -17.23
CA HIS C 232 4.12 21.45 -17.97
C HIS C 232 3.72 22.57 -18.94
N SER C 233 4.66 23.41 -19.33
CA SER C 233 4.37 24.45 -20.35
C SER C 233 4.51 23.97 -21.81
N ARG C 234 3.97 24.73 -22.78
CA ARG C 234 4.10 24.37 -24.21
C ARG C 234 5.55 24.10 -24.61
N ASP C 235 5.78 23.06 -25.39
CA ASP C 235 7.09 22.95 -26.05
C ASP C 235 7.01 23.83 -27.33
N LYS C 236 8.08 24.59 -27.62
CA LYS C 236 8.16 25.28 -28.91
C LYS C 236 8.11 24.17 -29.98
N LYS C 237 7.68 24.51 -31.20
CA LYS C 237 7.74 23.58 -32.33
C LYS C 237 6.82 22.36 -32.21
N ASN C 238 5.76 22.49 -31.41
CA ASN C 238 4.64 21.58 -31.52
C ASN C 238 3.37 22.38 -31.47
N GLU C 239 3.32 23.43 -32.30
CA GLU C 239 2.12 24.25 -32.42
C GLU C 239 0.96 23.42 -32.97
N PRO C 240 -0.26 23.62 -32.42
CA PRO C 240 -1.49 23.00 -32.88
C PRO C 240 -1.75 23.22 -34.36
N ASN C 241 -2.13 22.16 -35.03
CA ASN C 241 -2.15 22.20 -36.47
C ASN C 241 -3.57 22.50 -36.94
N PRO C 242 -3.72 23.59 -37.72
CA PRO C 242 -5.01 24.11 -38.16
C PRO C 242 -5.71 23.18 -39.15
N GLN C 243 -4.94 22.30 -39.77
CA GLN C 243 -5.52 21.36 -40.74
C GLN C 243 -6.12 20.12 -40.06
N ARG C 244 -5.96 20.00 -38.74
CA ARG C 244 -6.33 18.76 -38.03
C ARG C 244 -7.81 18.38 -38.17
N PHE C 245 -8.69 19.38 -38.24
CA PHE C 245 -10.12 19.12 -38.39
C PHE C 245 -10.47 18.59 -39.76
N ASP C 246 -9.86 19.17 -40.80
CA ASP C 246 -10.00 18.65 -42.16
C ASP C 246 -9.48 17.23 -42.21
N ARG C 247 -8.32 17.00 -41.58
CA ARG C 247 -7.66 15.68 -41.61
C ARG C 247 -8.49 14.53 -41.02
N ILE C 248 -9.03 14.70 -39.80
CA ILE C 248 -9.80 13.66 -39.11
C ILE C 248 -11.13 13.34 -39.81
N ALA C 249 -11.70 14.35 -40.47
CA ALA C 249 -12.94 14.13 -41.22
C ALA C 249 -12.73 13.24 -42.46
N HIS C 250 -11.48 12.97 -42.80
CA HIS C 250 -11.13 12.23 -44.03
C HIS C 250 -10.39 10.89 -43.82
N THR C 251 -10.32 10.44 -42.55
CA THR C 251 -9.60 9.23 -42.18
C THR C 251 -9.93 7.99 -43.04
N LYS C 252 -11.20 7.76 -43.36
CA LYS C 252 -11.56 6.54 -44.11
C LYS C 252 -10.79 6.37 -45.42
N GLU C 253 -10.51 7.49 -46.08
CA GLU C 253 -9.92 7.53 -47.43
C GLU C 253 -8.42 7.44 -47.31
N THR C 254 -7.90 8.35 -46.48
CA THR C 254 -6.49 8.55 -46.33
C THR C 254 -5.79 7.38 -45.62
N MET C 255 -6.54 6.53 -44.94
CA MET C 255 -5.91 5.54 -44.05
C MET C 255 -5.40 4.41 -44.90
N LEU C 256 -5.94 4.29 -46.10
CA LEU C 256 -5.56 3.25 -47.03
C LEU C 256 -4.16 3.48 -47.59
N SER C 257 -3.81 4.75 -47.77
CA SER C 257 -2.64 5.15 -48.54
C SER C 257 -1.62 5.83 -47.63
N ASP C 258 -1.98 5.96 -46.34
CA ASP C 258 -1.11 6.66 -45.40
C ASP C 258 -0.95 6.01 -44.00
N GLY C 259 0.27 5.68 -43.64
CA GLY C 259 0.51 4.88 -42.46
C GLY C 259 1.72 4.00 -42.58
N LEU C 260 1.58 2.77 -42.13
CA LEU C 260 2.72 1.88 -42.01
C LEU C 260 3.25 1.55 -43.42
N ASN C 261 2.37 1.62 -44.38
CA ASN C 261 2.73 1.39 -45.77
C ASN C 261 3.17 2.62 -46.55
N SER C 262 3.39 3.75 -45.90
CA SER C 262 3.89 4.93 -46.59
C SER C 262 4.95 5.51 -45.68
N LEU C 263 5.29 4.75 -44.65
CA LEU C 263 6.20 5.27 -43.64
C LEU C 263 7.66 5.30 -44.10
N THR C 264 8.30 6.45 -43.96
CA THR C 264 9.72 6.56 -44.28
C THR C 264 10.44 7.30 -43.17
N TYR C 265 11.69 6.94 -42.89
CA TYR C 265 12.47 7.67 -41.89
C TYR C 265 13.93 7.17 -41.89
N GLN C 266 14.78 7.77 -41.10
CA GLN C 266 16.12 7.24 -41.00
C GLN C 266 16.60 7.25 -39.56
N VAL C 267 16.90 6.06 -39.05
CA VAL C 267 17.48 5.96 -37.72
C VAL C 267 18.91 6.55 -37.72
N LEU C 268 19.25 7.33 -36.71
CA LEU C 268 20.60 7.91 -36.59
C LEU C 268 21.46 7.29 -35.51
N ASP C 269 20.91 7.12 -34.30
CA ASP C 269 21.54 6.29 -33.25
C ASP C 269 20.56 5.51 -32.38
N VAL C 270 20.97 4.35 -31.89
CA VAL C 270 20.18 3.57 -31.00
C VAL C 270 21.02 3.46 -29.72
N GLN C 271 20.68 4.19 -28.65
CA GLN C 271 21.40 4.00 -27.40
C GLN C 271 20.70 2.94 -26.57
N ARG C 272 21.45 1.99 -26.02
CA ARG C 272 20.94 1.07 -24.99
C ARG C 272 21.30 1.57 -23.62
N TYR C 273 20.54 2.51 -23.07
CA TYR C 273 20.73 2.84 -21.67
C TYR C 273 20.27 1.69 -20.76
N PRO C 274 20.59 1.79 -19.46
CA PRO C 274 20.20 0.65 -18.63
C PRO C 274 18.70 0.47 -18.52
N LEU C 275 17.95 1.56 -18.60
CA LEU C 275 16.50 1.55 -18.29
C LEU C 275 15.61 1.73 -19.47
N TYR C 276 16.20 1.95 -20.64
CA TYR C 276 15.44 2.17 -21.89
C TYR C 276 16.33 2.15 -23.12
N THR C 277 15.77 1.86 -24.28
CA THR C 277 16.45 2.01 -25.54
C THR C 277 15.99 3.34 -26.12
N GLN C 278 16.91 4.27 -26.37
CA GLN C 278 16.54 5.47 -27.13
C GLN C 278 16.93 5.37 -28.61
N ILE C 279 15.94 5.51 -29.49
CA ILE C 279 16.13 5.50 -30.92
C ILE C 279 15.96 6.93 -31.46
N THR C 280 17.05 7.65 -31.67
CA THR C 280 17.01 8.93 -32.34
C THR C 280 16.82 8.76 -33.86
N VAL C 281 15.81 9.40 -34.42
CA VAL C 281 15.45 9.15 -35.81
C VAL C 281 15.09 10.45 -36.50
N ASP C 282 15.28 10.49 -37.83
CA ASP C 282 15.03 11.68 -38.67
C ASP C 282 13.75 11.35 -39.33
N ILE C 283 12.69 12.07 -38.96
CA ILE C 283 11.38 11.72 -39.53
C ILE C 283 10.94 12.74 -40.59
N GLY C 284 11.85 13.65 -40.95
CA GLY C 284 11.60 14.56 -42.03
C GLY C 284 10.81 15.77 -41.59
N THR C 285 10.05 16.33 -42.54
CA THR C 285 9.39 17.64 -42.39
C THR C 285 8.13 17.65 -43.27
N PRO C 286 7.20 18.58 -43.02
CA PRO C 286 5.98 18.60 -43.85
C PRO C 286 6.22 18.98 -45.32
N SER C 287 5.25 18.63 -46.18
CA SER C 287 5.16 19.17 -47.58
C SER C 287 5.22 20.70 -47.60
C2 BGC D . -9.85 5.97 29.59
C3 BGC D . -10.82 6.61 30.60
C4 BGC D . -10.86 5.83 31.94
C5 BGC D . -9.41 5.52 32.39
C6 BGC D . -9.24 4.82 33.75
C1 BGC D . -8.54 5.61 30.27
O1 BGC D . -7.83 4.89 29.30
O2 BGC D . -9.57 6.85 28.53
O3 BGC D . -12.10 6.67 29.99
O4 BGC D . -11.55 6.62 32.91
O5 BGC D . -8.75 4.78 31.39
O6 BGC D . -9.65 3.47 33.69
C1 GAL D . -12.96 6.36 33.08
C2 GAL D . -13.40 7.08 34.37
C3 GAL D . -14.88 6.93 34.63
C4 GAL D . -15.58 7.44 33.36
C5 GAL D . -15.09 6.67 32.13
C6 GAL D . -15.79 6.98 30.81
O2 GAL D . -12.72 6.53 35.49
O3 GAL D . -15.20 7.74 35.76
O4 GAL D . -15.31 8.83 33.22
O5 GAL D . -13.70 6.94 32.01
O6 GAL D . -15.70 8.38 30.58
C1 NAG D . -15.98 7.06 36.75
C2 NAG D . -15.88 7.88 38.04
C3 NAG D . -16.96 7.47 39.06
C4 NAG D . -18.33 7.18 38.41
C5 NAG D . -18.11 6.15 37.30
C6 NAG D . -19.37 5.53 36.70
C7 NAG D . -13.64 8.66 38.68
C8 NAG D . -12.31 8.26 39.26
N2 NAG D . -14.54 7.70 38.58
O3 NAG D . -17.02 8.36 40.17
O4 NAG D . -19.30 6.70 39.32
O5 NAG D . -17.32 6.81 36.33
O6 NAG D . -19.79 6.26 35.58
O7 NAG D . -13.84 9.82 38.31
C1 GAL D . -16.56 7.64 41.35
C2 GAL D . -16.29 8.51 42.59
C3 GAL D . -15.43 7.67 43.57
C4 GAL D . -16.15 6.34 43.84
C5 GAL D . -16.38 5.67 42.46
C6 GAL D . -16.48 4.14 42.23
O2 GAL D . -15.56 9.64 42.16
O3 GAL D . -15.24 8.34 44.80
O4 GAL D . -17.35 6.63 44.54
O5 GAL D . -17.28 6.45 41.66
O6 GAL D . -17.45 3.45 42.99
C1 NAG D . -15.76 8.78 29.22
C2 NAG D . -15.79 10.31 29.19
C3 NAG D . -15.58 10.82 27.78
C4 NAG D . -14.25 10.26 27.26
C5 NAG D . -14.40 8.77 27.21
C6 NAG D . -13.13 8.12 26.70
C7 NAG D . -17.31 11.14 30.97
C8 NAG D . -18.71 11.65 31.22
N2 NAG D . -17.05 10.82 29.70
O3 NAG D . -15.53 12.21 27.89
O4 NAG D . -13.91 10.78 26.01
O5 NAG D . -14.65 8.30 28.51
O6 NAG D . -12.06 8.06 27.65
O7 NAG D . -16.50 11.08 31.92
C2 BGC E . 12.53 -28.01 -7.21
C3 BGC E . 12.70 -29.52 -6.98
C4 BGC E . 13.25 -30.28 -8.22
C5 BGC E . 14.40 -29.51 -8.86
C6 BGC E . 14.95 -30.14 -10.15
C1 BGC E . 13.69 -27.40 -7.99
O1 BGC E . 13.35 -26.08 -8.34
O2 BGC E . 12.48 -27.32 -5.97
O3 BGC E . 11.47 -30.09 -6.54
O4 BGC E . 13.76 -31.53 -7.82
O5 BGC E . 13.95 -28.19 -9.14
O6 BGC E . 14.12 -29.86 -11.27
C1 GAL E . 12.85 -32.63 -8.06
C2 GAL E . 13.72 -33.88 -7.99
C3 GAL E . 12.87 -35.15 -8.13
C4 GAL E . 11.80 -35.06 -7.04
C5 GAL E . 11.01 -33.75 -7.16
C6 GAL E . 9.92 -33.54 -6.10
O2 GAL E . 14.79 -33.79 -8.93
O3 GAL E . 13.73 -36.24 -7.91
O4 GAL E . 12.35 -35.18 -5.75
O5 GAL E . 11.92 -32.70 -7.02
O6 GAL E . 10.43 -33.66 -4.77
C1 NAG E . 13.48 -37.33 -8.80
C2 NAG E . 14.66 -38.35 -8.75
C3 NAG E . 14.30 -39.57 -9.62
C4 NAG E . 12.84 -40.05 -9.45
C5 NAG E . 11.77 -38.94 -9.33
C6 NAG E . 10.46 -39.56 -8.80
C7 NAG E . 16.95 -37.27 -8.41
C8 NAG E . 18.07 -36.60 -9.17
N2 NAG E . 15.90 -37.69 -9.16
O3 NAG E . 15.18 -40.68 -9.43
O4 NAG E . 12.49 -40.86 -10.55
O5 NAG E . 12.22 -37.88 -8.48
O6 NAG E . 9.42 -38.64 -8.56
O7 NAG E . 17.11 -37.38 -7.18
C1 GAL E . 15.79 -41.14 -10.68
C2 GAL E . 17.30 -41.41 -10.55
C3 GAL E . 17.90 -41.59 -11.96
C4 GAL E . 17.16 -42.75 -12.60
C5 GAL E . 15.65 -42.46 -12.61
C6 GAL E . 14.92 -43.68 -13.14
O2 GAL E . 17.98 -40.42 -9.82
O3 GAL E . 19.27 -41.88 -11.84
O5 GAL E . 15.20 -42.29 -11.27
O6 GAL E . 15.28 -44.79 -12.37
C1 NAG E . 9.67 -32.95 -3.77
C2 NAG E . 10.27 -33.26 -2.42
C3 NAG E . 9.89 -32.25 -1.34
C4 NAG E . 10.26 -30.84 -1.81
C5 NAG E . 9.49 -30.65 -3.11
C6 NAG E . 9.65 -29.32 -3.83
C7 NAG E . 10.68 -35.64 -2.45
C8 NAG E . 10.21 -37.05 -2.14
N2 NAG E . 9.87 -34.63 -2.11
O3 NAG E . 10.53 -32.61 -0.13
O4 NAG E . 9.92 -29.83 -0.88
O5 NAG E . 9.87 -31.60 -4.06
O6 NAG E . 10.96 -28.83 -3.76
O7 NAG E . 11.77 -35.43 -2.99
C2 BGC F . -6.67 20.69 -23.16
C3 BGC F . -7.06 20.79 -24.65
C4 BGC F . -7.75 22.13 -25.00
C5 BGC F . -7.17 23.34 -24.25
C6 BGC F . -8.05 24.58 -24.29
C1 BGC F . -5.94 22.01 -22.89
O1 BGC F . -5.21 22.05 -21.69
O2 BGC F . -5.85 19.57 -22.89
O3 BGC F . -7.85 19.69 -25.06
O4 BGC F . -7.58 22.38 -26.38
O5 BGC F . -6.94 23.01 -22.90
O6 BGC F . -9.38 24.18 -24.09
C1 GAL F . -8.80 22.14 -27.09
C2 GAL F . -8.64 22.99 -28.34
C3 GAL F . -9.85 22.83 -29.24
C4 GAL F . -9.97 21.31 -29.52
C5 GAL F . -10.09 20.54 -28.20
C6 GAL F . -10.28 19.02 -28.38
O2 GAL F . -8.46 24.34 -27.97
O3 GAL F . -9.62 23.58 -30.42
O4 GAL F . -8.89 20.85 -30.33
O5 GAL F . -8.92 20.77 -27.44
O6 GAL F . -9.22 18.45 -29.15
C1 NAG F . -10.76 24.35 -30.78
C2 NAG F . -10.24 25.35 -31.81
C3 NAG F . -11.36 26.03 -32.59
C4 NAG F . -12.40 24.98 -33.04
C5 NAG F . -12.89 24.10 -31.89
C6 NAG F . -13.80 22.98 -32.39
C7 NAG F . -8.05 26.41 -31.32
C8 NAG F . -7.35 27.45 -30.49
N2 NAG F . -9.37 26.30 -31.12
O3 NAG F . -10.77 26.68 -33.70
O4 NAG F . -13.53 25.59 -33.62
O5 NAG F . -11.80 23.50 -31.23
O6 NAG F . -14.11 22.15 -31.30
O7 NAG F . -7.40 25.74 -32.12
C1 GAL F . -11.35 27.99 -33.88
C2 GAL F . -10.28 29.06 -34.06
C3 GAL F . -10.95 30.44 -33.98
C4 GAL F . -12.02 30.48 -35.08
C5 GAL F . -13.00 29.31 -34.90
C6 GAL F . -14.01 29.23 -36.05
O2 GAL F . -9.20 28.90 -33.17
O3 GAL F . -9.99 31.46 -34.10
O4 GAL F . -11.48 30.53 -36.39
O5 GAL F . -12.27 28.08 -34.96
O6 GAL F . -14.87 30.35 -36.09
C1 NAG F . -8.61 17.21 -28.67
C2 NAG F . -7.53 16.77 -29.68
C3 NAG F . -6.69 15.57 -29.23
C4 NAG F . -6.22 15.78 -27.81
C5 NAG F . -7.47 16.10 -26.95
C6 NAG F . -7.15 16.23 -25.47
C7 NAG F . -8.17 17.46 -31.88
C8 NAG F . -8.82 17.17 -33.21
N2 NAG F . -8.13 16.49 -30.97
O3 NAG F . -5.58 15.50 -30.08
O4 NAG F . -5.39 14.75 -27.32
O5 NAG F . -8.06 17.32 -27.39
O6 NAG F . -6.17 17.21 -25.29
O7 NAG F . -7.71 18.57 -31.62
N1 UDH G . -5.48 19.05 25.15
C2 UDH G . -4.33 19.83 24.94
N3 UDH G . -3.63 20.29 25.99
C4 UDH G . -3.92 19.92 27.27
C5 UDH G . -5.02 19.07 27.57
C6 UDH G . -5.74 18.55 26.47
O2 UDH G . -4.02 20.32 23.70
O4 UDH G . -3.18 20.46 28.13
C1B UDH G . -6.25 18.62 23.95
C2B UDH G . -5.52 17.76 22.96
O2' UDH G . -6.10 18.11 21.68
C3B UDH G . -5.93 16.39 23.44
C4B UDH G . -7.40 16.59 23.75
O4' UDH G . -7.40 17.88 24.33
O3' UDH G . -5.81 15.41 22.43
C5B UDH G . -7.99 15.60 24.72
O5' UDH G . -7.27 15.63 25.95
PA UDH G . -6.34 14.37 26.26
O1A UDH G . -5.52 13.99 25.04
O2A UDH G . -5.62 14.62 27.53
O3A UDH G . -7.47 13.27 26.63
PB UDH G . -7.10 11.72 26.81
O1B UDH G . -8.32 11.08 27.40
O2B UDH G . -6.12 11.58 28.05
O3B UDH G . -6.39 11.27 25.55
C1' UDH G . -6.35 11.99 29.40
C2' UDH G . -4.99 11.82 30.13
C3' UDH G . -4.88 10.32 30.47
C4' UDH G . -3.50 9.69 30.71
C5' UDH G . -3.69 8.20 31.08
C6' UDH G . -2.43 7.35 31.11
N6' UDH G . -2.84 5.95 30.99
MN MN H . -5.13 12.04 24.31
S SO4 I . 5.24 3.80 17.78
O1 SO4 I . 4.82 3.98 16.39
O2 SO4 I . 5.62 5.08 18.40
O3 SO4 I . 4.14 3.26 18.59
O4 SO4 I . 6.37 2.87 17.82
S SO4 J . -3.20 19.14 -6.74
O1 SO4 J . -2.31 18.55 -7.74
O2 SO4 J . -2.89 18.53 -5.45
O3 SO4 J . -2.86 20.57 -6.60
O4 SO4 J . -4.62 19.06 -7.11
S SO4 K . -16.13 37.34 21.16
O1 SO4 K . -15.40 38.59 20.85
O2 SO4 K . -17.48 37.57 21.71
O3 SO4 K . -16.18 36.59 19.91
O4 SO4 K . -15.47 36.59 22.22
S SO4 L . -20.13 5.41 4.76
O1 SO4 L . -19.05 4.99 5.67
O2 SO4 L . -20.66 4.17 4.20
O3 SO4 L . -21.23 6.11 5.45
O4 SO4 L . -19.63 6.24 3.64
S SO4 M . -26.28 30.68 30.97
O1 SO4 M . -25.00 29.80 30.96
O2 SO4 M . -27.30 29.90 31.64
O3 SO4 M . -26.47 31.84 31.98
O4 SO4 M . -26.57 31.01 29.52
S SO4 N . -24.61 10.47 3.73
O1 SO4 N . -23.50 10.61 2.78
O2 SO4 N . -25.89 10.43 3.03
O3 SO4 N . -24.59 11.69 4.51
O4 SO4 N . -24.45 9.30 4.64
S SO4 O . 4.51 12.11 27.54
O1 SO4 O . 5.57 11.92 26.54
O2 SO4 O . 3.38 12.81 26.95
O3 SO4 O . 4.95 12.94 28.68
O4 SO4 O . 4.12 10.77 28.02
S SO4 P . -28.46 6.71 17.89
O1 SO4 P . -27.24 7.13 17.17
O2 SO4 P . -29.47 7.74 17.64
O3 SO4 P . -28.15 6.59 19.33
O4 SO4 P . -28.95 5.39 17.42
C1 GOL Q . -12.85 14.14 27.38
O1 GOL Q . -12.44 15.49 27.52
C2 GOL Q . -12.74 13.48 25.99
O2 GOL Q . -11.44 12.99 25.87
C3 GOL Q . -13.01 14.35 24.76
O3 GOL Q . -12.49 13.81 23.52
N1 UDH R . 18.61 -25.27 5.74
C2 UDH R . 19.66 -24.43 6.22
N3 UDH R . 20.95 -24.70 5.99
C4 UDH R . 21.32 -25.70 5.16
C5 UDH R . 20.33 -26.50 4.54
C6 UDH R . 18.97 -26.26 4.83
O2 UDH R . 19.44 -23.46 7.12
O4 UDH R . 22.54 -25.91 4.99
C1B UDH R . 17.21 -24.91 5.97
C2B UDH R . 16.83 -23.51 5.55
O2' UDH R . 15.79 -23.01 6.42
C3B UDH R . 16.30 -23.79 4.16
C4B UDH R . 15.49 -25.06 4.38
O4' UDH R . 16.35 -25.80 5.26
O3' UDH R . 15.56 -22.65 3.72
C5B UDH R . 15.30 -25.95 3.15
O5' UDH R . 16.55 -26.12 2.51
PA UDH R . 16.80 -25.38 1.09
O1A UDH R . 16.43 -23.89 1.12
O2A UDH R . 18.15 -25.78 0.69
O3A UDH R . 15.78 -26.17 0.14
PB UDH R . 15.44 -25.75 -1.36
O1B UDH R . 14.45 -26.82 -1.77
O2B UDH R . 16.86 -25.83 -2.07
O3B UDH R . 15.02 -24.34 -1.58
C1' UDH R . 17.48 -27.06 -2.46
C2' UDH R . 18.66 -26.64 -3.35
C3' UDH R . 18.18 -26.11 -4.72
C4' UDH R . 19.17 -25.23 -5.49
C5' UDH R . 18.95 -25.35 -7.01
C6' UDH R . 19.10 -24.03 -7.79
N6' UDH R . 18.01 -23.90 -8.75
MN MN S . 15.60 -22.63 -0.25
S SO4 T . 1.93 -2.42 20.15
O1 SO4 T . 0.88 -3.37 20.59
O2 SO4 T . 1.53 -0.99 20.16
O3 SO4 T . 3.04 -2.57 21.12
O4 SO4 T . 2.36 -2.74 18.78
S SO4 U . 15.58 -9.02 -5.81
O1 SO4 U . 15.31 -7.65 -6.33
O2 SO4 U . 15.25 -10.07 -6.77
O3 SO4 U . 17.00 -9.20 -5.53
O4 SO4 U . 14.78 -9.28 -4.63
S SO4 V . 18.79 -43.36 10.78
O1 SO4 V . 18.75 -42.14 11.61
O2 SO4 V . 19.19 -43.16 9.37
O3 SO4 V . 19.81 -44.25 11.34
O4 SO4 V . 17.52 -44.11 10.82
S SO4 W . 24.12 -17.94 -2.71
O1 SO4 W . 23.49 -16.62 -2.58
O2 SO4 W . 23.81 -18.53 -4.01
O3 SO4 W . 25.57 -17.80 -2.62
O4 SO4 W . 23.68 -18.83 -1.63
S SO4 X . -8.85 -18.66 4.92
O1 SO4 X . -9.34 -17.74 5.97
O2 SO4 X . -9.77 -18.76 3.77
O3 SO4 X . -7.57 -18.15 4.40
O4 SO4 X . -8.81 -20.02 5.48
S SO4 Y . 23.94 -7.26 12.44
O1 SO4 Y . 23.19 -7.04 13.68
O2 SO4 Y . 23.12 -7.13 11.23
O3 SO4 Y . 25.02 -6.25 12.40
O4 SO4 Y . 24.50 -8.61 12.45
C1 GOL Z . 13.30 -30.63 1.14
O1 GOL Z . 13.70 -30.94 2.47
C2 GOL Z . 12.41 -29.38 0.98
O2 GOL Z . 13.06 -28.35 0.25
C3 GOL Z . 12.20 -28.81 2.35
O3 GOL Z . 11.19 -29.67 2.81
N1 UDH AA . 6.45 15.35 -27.03
C2 UDH AA . 7.77 15.53 -26.62
N3 UDH AA . 8.43 16.68 -26.88
C4 UDH AA . 7.77 17.74 -27.43
C5 UDH AA . 6.42 17.68 -27.75
C6 UDH AA . 5.75 16.49 -27.49
O2 UDH AA . 8.45 14.49 -26.10
O4 UDH AA . 8.41 18.79 -27.64
C1B UDH AA . 5.70 14.17 -26.58
C2B UDH AA . 5.67 13.92 -25.08
O2' UDH AA . 5.70 12.48 -25.00
C3B UDH AA . 4.30 14.44 -24.74
C4B UDH AA . 3.47 14.06 -25.95
O4' UDH AA . 4.37 14.11 -27.08
O3' UDH AA . 3.79 13.75 -23.63
C5B UDH AA . 2.19 14.89 -26.13
O5' UDH AA . 2.55 16.26 -26.18
PA UDH AA . 2.26 17.22 -24.96
O1A UDH AA . 2.54 16.61 -23.63
O2A UDH AA . 2.90 18.57 -25.15
O3A UDH AA . 0.68 17.41 -25.16
PB UDH AA . -0.28 17.94 -23.92
O1B UDH AA . -1.63 17.84 -24.53
O2B UDH AA . 0.24 19.45 -23.91
O3B UDH AA . 0.04 17.30 -22.57
C1' UDH AA . -0.03 20.31 -25.03
C2' UDH AA . 0.74 21.62 -24.85
C3' UDH AA . 0.74 22.09 -23.39
C4' UDH AA . -0.27 23.21 -23.11
C5' UDH AA . -0.14 23.71 -21.66
C6' UDH AA . -1.40 24.44 -21.21
N6' UDH AA . -1.10 25.46 -20.22
MN MN BA . 1.53 16.54 -21.72
S SO4 CA . 12.06 -11.56 -11.16
O1 SO4 CA . 12.36 -12.24 -9.88
O2 SO4 CA . 11.34 -12.43 -12.11
O3 SO4 CA . 11.26 -10.37 -10.87
O4 SO4 CA . 13.37 -11.18 -11.71
S SO4 DA . -10.27 -9.44 -23.45
O1 SO4 DA . -9.83 -9.12 -24.81
O2 SO4 DA . -11.11 -8.32 -22.93
O3 SO4 DA . -9.03 -9.66 -22.66
O4 SO4 DA . -11.06 -10.71 -23.50
S SO4 EA . 2.79 15.90 -45.60
O1 SO4 EA . 3.65 15.99 -46.77
O2 SO4 EA . 1.37 15.91 -46.03
O3 SO4 EA . 3.12 17.07 -44.78
O4 SO4 EA . 3.07 14.65 -44.89
S SO4 FA . 3.36 16.85 -7.12
O1 SO4 FA . 4.44 16.82 -8.10
O2 SO4 FA . 2.18 17.32 -7.85
O3 SO4 FA . 3.76 17.71 -6.00
O4 SO4 FA . 3.12 15.52 -6.59
C1 GOL GA . -2.57 15.71 -29.25
O1 GOL GA . -1.43 15.83 -30.07
C2 GOL GA . -2.31 14.94 -27.96
O2 GOL GA . -1.32 15.55 -27.17
C3 GOL GA . -1.96 13.49 -28.26
O3 GOL GA . -2.31 12.61 -27.19
#